data_6NOG
#
_entry.id   6NOG
#
_cell.length_a   1
_cell.length_b   1
_cell.length_c   1
_cell.angle_alpha   90
_cell.angle_beta   90
_cell.angle_gamma   90
#
_symmetry.space_group_name_H-M   'P 1'
#
loop_
_entity.id
_entity.type
_entity.pdbx_description
1 polymer 'Histone H3.2'
2 polymer 'Histone H4'
3 polymer 'Histone H2A type 1'
4 polymer 'Histone H2B 1.1'
5 polymer Ubiquitin
6 polymer 'Histone-lysine N-methyltransferase, H3 lysine-79 specific'
7 polymer '601 DNA Strand 1'
8 polymer '601 DNA Strand 2'
#
loop_
_entity_poly.entity_id
_entity_poly.type
_entity_poly.pdbx_seq_one_letter_code
_entity_poly.pdbx_strand_id
1 'polypeptide(L)'
;ARTKQTARKSTGGKAPRKQLATKAARKSAPATGGVKKPHRYRPGTVALREIRRYQKSTELLIRKLPFQRLVREIAQDFKT
DLRFQSSAVMALQEASEAYLVALFEDTNLCAIHAKRVTIMPKDIQLARRIRGERA
;
A,E
2 'polypeptide(L)'
;SGRGKGGKGLGKGGAKRHRKVLRDNIQGITKPAIRRLARRGGVKRISGLIYEETRGVLKVFLENVIRDAVTYTEHAKRKT
VTAMDVVYALKRQGRTLYGFGG
;
B,F
3 'polypeptide(L)'
;SGRGKQGGKTRAKAKTRSSRAGLQFPVGRVHRLLRKGNYAERVGAGAPVYLAAVLEYLTAEILELAGNAARDNKKTRIIP
RHLQLAVRNDEELNKLLGRVTIAQGGVLPNIQSVLLPKKTESSKSAKSK
;
C,G
4 'polypeptide(L)'
;AKSAPAPKKGSKKAVTKTQKKDGKKRRKTRKESYAIYVYKVLKQVHPDTGISSKAMSIMNSFVNDVFERIAGEASRLAHY
NKRSTITSREIQTAVRLLLPGELAKHAVSEGTKAVTCYTSAK
;
D,H
5 'polypeptide(L)' GSHMMQIFVKTLTGKTITLEVEPSDTIENVKAKIQDKEGIPPDQQRLIFAGKQLEDGRTLSDYNIQKESTLHLVLRLRGC L
6 'polypeptide(L)'
;GGEKLELRLKSPVGAEPAVYPWPLPVYDKHHDAAHEIIETIRWVCEEIPDLKLAMENYVLIDYDTKSFESMQRLCDKYNR
AIDSIHQLWKGTTQPMKLNTRPSTGLLRHILQQVYNHSVTDPEKLNNYEPFSPEVYGETSFDLVAQMIDEIKMTDDDLFV
DLGSGVGQVVLQVAAATNCKHHYGVEKADIPAKYAETMDREFRKWMKWYGKKHAEYTLERGDFLSEEWRERIANTSVIFV
NNFAFGPEVDHQLKERFANMKEGGRIVSSKPFAPLNFRINSRNLSDIGTIMRVVELSPLKGSVSWTGKPVSYYLHTIDRT
ILENYFSSLKNPKLREEQEAARRRQQRESKSNAATPTKGPEGKVAGPADAPMDSGAEEEKAGAATVKKPSPSKARKKKLN
KKGRKMAGRKRGRPKK
;
K
7 'polydeoxyribonucleotide'
;(DT)(DC)(DG)(DA)(DG)(DA)(DA)(DT)(DC)(DC)(DC)(DG)(DG)(DT)(DG)(DC)(DC)(DG)(DA)(DG)
(DG)(DC)(DC)(DG)(DC)(DT)(DC)(DA)(DA)(DT)(DT)(DG)(DG)(DT)(DC)(DG)(DT)(DA)(DG)(DA)
(DC)(DA)(DG)(DC)(DT)(DC)(DT)(DA)(DG)(DC)(DA)(DC)(DC)(DG)(DC)(DT)(DT)(DA)(DA)(DA)
(DC)(DG)(DC)(DA)(DC)(DG)(DT)(DA)(DC)(DG)(DC)(DG)(DC)(DT)(DG)(DT)(DC)(DC)(DC)(DC)
(DC)(DG)(DC)(DG)(DT)(DT)(DT)(DT)(DA)(DA)(DC)(DC)(DG)(DC)(DC)(DA)(DA)(DG)(DG)(DG)
(DG)(DA)(DT)(DT)(DA)(DC)(DT)(DC)(DC)(DC)(DT)(DA)(DG)(DT)(DC)(DT)(DC)(DC)(DA)(DG)
(DG)(DC)(DA)(DC)(DG)(DT)(DG)(DT)(DC)(DA)(DG)(DA)(DT)(DA)(DT)(DA)(DT)(DA)(DC)(DA)
(DT)(DC)(DC)(DG)(DA)(DT)
;
I
8 'polydeoxyribonucleotide'
;(DA)(DT)(DC)(DG)(DG)(DA)(DT)(DG)(DT)(DA)(DT)(DA)(DT)(DA)(DT)(DC)(DT)(DG)(DA)(DC)
(DA)(DC)(DG)(DT)(DG)(DC)(DC)(DT)(DG)(DG)(DA)(DG)(DA)(DC)(DT)(DA)(DG)(DG)(DG)(DA)
(DG)(DT)(DA)(DA)(DT)(DC)(DC)(DC)(DC)(DT)(DT)(DG)(DG)(DC)(DG)(DG)(DT)(DT)(DA)(DA)
(DA)(DA)(DC)(DG)(DC)(DG)(DG)(DG)(DG)(DG)(DA)(DC)(DA)(DG)(DC)(DG)(DC)(DG)(DT)(DA)
(DC)(DG)(DT)(DG)(DC)(DG)(DT)(DT)(DT)(DA)(DA)(DG)(DC)(DG)(DG)(DT)(DG)(DC)(DT)(DA)
(DG)(DA)(DG)(DC)(DT)(DG)(DT)(DC)(DT)(DA)(DC)(DG)(DA)(DC)(DC)(DA)(DA)(DT)(DT)(DG)
(DA)(DG)(DC)(DG)(DG)(DC)(DC)(DT)(DC)(DG)(DG)(DC)(DA)(DC)(DC)(DG)(DG)(DG)(DA)(DT)
(DT)(DC)(DT)(DC)(DG)(DA)
;
J
#
loop_
_chem_comp.id
_chem_comp.type
_chem_comp.name
_chem_comp.formula
DA DNA linking 2'-DEOXYADENOSINE-5'-MONOPHOSPHATE 'C10 H14 N5 O6 P'
DC DNA linking 2'-DEOXYCYTIDINE-5'-MONOPHOSPHATE 'C9 H14 N3 O7 P'
DG DNA linking 2'-DEOXYGUANOSINE-5'-MONOPHOSPHATE 'C10 H14 N5 O7 P'
DT DNA linking THYMIDINE-5'-MONOPHOSPHATE 'C10 H15 N2 O8 P'
#
# COMPACT_ATOMS: atom_id res chain seq x y z
N PRO A 38 -57.19 7.22 11.88
CA PRO A 38 -56.12 7.27 12.88
C PRO A 38 -54.86 7.93 12.33
N HIS A 39 -53.71 7.27 12.49
CA HIS A 39 -52.43 7.80 12.04
C HIS A 39 -51.51 6.68 11.60
N ARG A 40 -50.77 6.91 10.53
CA ARG A 40 -49.92 5.90 9.95
C ARG A 40 -48.59 6.52 9.55
N TYR A 41 -47.84 5.79 8.73
CA TYR A 41 -46.52 6.21 8.24
C TYR A 41 -46.38 5.84 6.78
N ARG A 42 -45.64 6.65 6.04
CA ARG A 42 -45.38 6.30 4.66
C ARG A 42 -44.42 5.11 4.60
N PRO A 43 -44.72 4.11 3.79
CA PRO A 43 -44.08 2.79 3.95
C PRO A 43 -42.60 2.79 3.58
N GLY A 44 -41.79 2.26 4.49
CA GLY A 44 -40.35 2.20 4.33
C GLY A 44 -39.57 3.11 5.24
N THR A 45 -40.18 4.16 5.77
CA THR A 45 -39.40 5.12 6.53
C THR A 45 -39.05 4.60 7.91
N VAL A 46 -39.97 3.86 8.53
CA VAL A 46 -39.67 3.21 9.79
C VAL A 46 -38.60 2.17 9.59
N ALA A 47 -38.59 1.54 8.41
CA ALA A 47 -37.48 0.66 8.05
C ALA A 47 -36.18 1.44 7.96
N LEU A 48 -36.21 2.70 7.50
CA LEU A 48 -34.97 3.49 7.48
C LEU A 48 -34.50 3.83 8.89
N ARG A 49 -35.43 4.15 9.78
CA ARG A 49 -35.04 4.42 11.16
C ARG A 49 -34.49 3.16 11.83
N GLU A 50 -35.01 2.00 11.47
CA GLU A 50 -34.44 0.80 12.04
C GLU A 50 -33.14 0.39 11.36
N ILE A 51 -32.89 0.85 10.13
CA ILE A 51 -31.57 0.74 9.54
C ILE A 51 -30.56 1.46 10.42
N ARG A 52 -30.87 2.71 10.76
CA ARG A 52 -29.99 3.46 11.66
C ARG A 52 -29.87 2.77 13.01
N ARG A 53 -30.98 2.21 13.51
CA ARG A 53 -30.98 1.65 14.85
C ARG A 53 -30.13 0.39 14.95
N TYR A 54 -30.31 -0.53 14.01
CA TYR A 54 -29.48 -1.72 14.05
C TYR A 54 -28.06 -1.46 13.59
N GLN A 55 -27.81 -0.39 12.83
CA GLN A 55 -26.42 -0.07 12.54
C GLN A 55 -25.73 0.55 13.75
N LYS A 56 -26.48 1.18 14.64
CA LYS A 56 -25.83 1.77 15.80
C LYS A 56 -25.39 0.70 16.78
N SER A 57 -26.31 -0.17 17.19
CA SER A 57 -26.05 -1.08 18.29
C SER A 57 -25.18 -2.25 17.84
N THR A 58 -24.82 -3.08 18.81
CA THR A 58 -23.75 -4.05 18.64
C THR A 58 -24.20 -5.48 18.77
N GLU A 59 -25.41 -5.74 19.27
CA GLU A 59 -25.75 -7.05 19.81
C GLU A 59 -25.89 -8.08 18.69
N LEU A 60 -26.01 -9.34 19.10
CA LEU A 60 -26.24 -10.41 18.15
C LEU A 60 -27.65 -10.33 17.60
N LEU A 61 -27.92 -11.13 16.59
CA LEU A 61 -29.15 -10.98 15.84
C LEU A 61 -30.07 -12.19 15.96
N ILE A 62 -29.60 -13.35 15.61
CA ILE A 62 -30.43 -14.52 15.67
C ILE A 62 -30.49 -14.99 17.11
N ARG A 63 -31.68 -15.37 17.58
CA ARG A 63 -31.81 -15.78 18.98
C ARG A 63 -31.15 -17.14 19.18
N LYS A 64 -30.51 -17.31 20.34
CA LYS A 64 -29.37 -18.22 20.47
C LYS A 64 -29.77 -19.70 20.44
N LEU A 65 -30.84 -20.05 21.14
CA LEU A 65 -31.15 -21.46 21.37
C LEU A 65 -31.48 -22.26 20.10
N PRO A 66 -32.29 -21.76 19.14
CA PRO A 66 -32.43 -22.55 17.91
C PRO A 66 -31.18 -22.58 17.07
N PHE A 67 -30.31 -21.59 17.22
CA PHE A 67 -29.03 -21.64 16.52
C PHE A 67 -28.18 -22.78 17.06
N GLN A 68 -28.20 -22.96 18.39
CA GLN A 68 -27.57 -24.12 18.99
C GLN A 68 -28.22 -25.42 18.51
N ARG A 69 -29.54 -25.39 18.30
CA ARG A 69 -30.24 -26.57 17.78
C ARG A 69 -29.77 -26.94 16.38
N LEU A 70 -29.64 -25.95 15.51
CA LEU A 70 -29.20 -26.20 14.14
C LEU A 70 -27.76 -26.71 14.11
N VAL A 71 -26.90 -26.15 14.97
CA VAL A 71 -25.54 -26.62 14.96
C VAL A 71 -25.42 -27.95 15.66
N ARG A 72 -26.41 -28.36 16.45
CA ARG A 72 -26.34 -29.74 16.92
C ARG A 72 -26.84 -30.72 15.86
N GLU A 73 -27.78 -30.29 15.02
CA GLU A 73 -28.30 -31.24 14.04
C GLU A 73 -27.32 -31.47 12.90
N ILE A 74 -26.74 -30.40 12.35
CA ILE A 74 -25.85 -30.61 11.20
C ILE A 74 -24.54 -31.27 11.62
N ALA A 75 -24.21 -31.23 12.90
CA ALA A 75 -23.06 -31.97 13.37
C ALA A 75 -23.33 -33.46 13.51
N GLN A 76 -24.57 -33.91 13.32
CA GLN A 76 -24.84 -35.33 13.50
C GLN A 76 -24.24 -36.18 12.39
N ASP A 77 -24.17 -35.66 11.18
CA ASP A 77 -23.80 -36.47 10.02
C ASP A 77 -22.31 -36.46 9.73
N PHE A 78 -21.46 -36.34 10.75
CA PHE A 78 -20.04 -36.52 10.50
C PHE A 78 -19.41 -37.39 11.56
N LYS A 79 -19.99 -37.40 12.75
CA LYS A 79 -19.65 -38.33 13.81
C LYS A 79 -20.76 -38.27 14.84
N THR A 80 -21.34 -39.42 15.19
CA THR A 80 -22.46 -39.41 16.11
C THR A 80 -22.00 -39.14 17.54
N ASP A 81 -22.91 -38.52 18.31
CA ASP A 81 -22.78 -38.31 19.75
C ASP A 81 -21.58 -37.44 20.12
N LEU A 82 -21.54 -36.23 19.59
CA LEU A 82 -20.57 -35.25 20.03
C LEU A 82 -21.17 -34.41 21.15
N ARG A 83 -20.32 -33.65 21.85
CA ARG A 83 -20.80 -32.71 22.84
C ARG A 83 -20.08 -31.38 22.65
N PHE A 84 -20.80 -30.28 22.84
CA PHE A 84 -20.31 -28.95 22.49
C PHE A 84 -20.12 -28.07 23.72
N GLN A 85 -19.04 -27.27 23.71
CA GLN A 85 -18.81 -26.25 24.72
C GLN A 85 -19.51 -24.96 24.32
N SER A 86 -19.59 -24.03 25.26
CA SER A 86 -20.36 -22.83 25.02
C SER A 86 -19.65 -21.87 24.09
N SER A 87 -18.35 -21.64 24.35
CA SER A 87 -17.62 -20.58 23.67
C SER A 87 -17.48 -20.86 22.18
N ALA A 88 -17.39 -22.12 21.80
CA ALA A 88 -17.33 -22.45 20.38
C ALA A 88 -18.64 -22.14 19.69
N VAL A 89 -19.75 -22.37 20.38
CA VAL A 89 -21.05 -22.08 19.81
C VAL A 89 -21.20 -20.59 19.58
N MET A 90 -20.79 -19.79 20.57
CA MET A 90 -20.90 -18.35 20.41
C MET A 90 -19.98 -17.83 19.31
N ALA A 91 -18.81 -18.44 19.15
CA ALA A 91 -17.89 -18.01 18.09
C ALA A 91 -18.43 -18.34 16.71
N LEU A 92 -19.02 -19.54 16.55
CA LEU A 92 -19.61 -19.91 15.26
C LEU A 92 -20.76 -18.98 14.93
N GLN A 93 -21.51 -18.56 15.95
CA GLN A 93 -22.58 -17.59 15.76
C GLN A 93 -22.03 -16.27 15.24
N GLU A 94 -20.91 -15.81 15.80
CA GLU A 94 -20.33 -14.54 15.37
C GLU A 94 -19.85 -14.59 13.92
N ALA A 95 -19.21 -15.69 13.55
CA ALA A 95 -18.68 -15.79 12.19
C ALA A 95 -19.79 -15.89 11.17
N SER A 96 -20.81 -16.70 11.45
CA SER A 96 -21.93 -16.83 10.54
C SER A 96 -22.71 -15.53 10.41
N GLU A 97 -22.81 -14.79 11.51
CA GLU A 97 -23.35 -13.43 11.51
C GLU A 97 -22.66 -12.55 10.48
N ALA A 98 -21.33 -12.41 10.61
CA ALA A 98 -20.61 -11.50 9.71
C ALA A 98 -20.66 -11.96 8.26
N TYR A 99 -20.67 -13.27 8.03
CA TYR A 99 -20.76 -13.80 6.67
C TYR A 99 -22.07 -13.42 6.01
N LEU A 100 -23.18 -13.59 6.74
CA LEU A 100 -24.46 -13.20 6.17
C LEU A 100 -24.56 -11.70 5.97
N VAL A 101 -23.92 -10.92 6.84
CA VAL A 101 -23.89 -9.47 6.68
C VAL A 101 -23.24 -9.06 5.38
N ALA A 102 -22.07 -9.63 5.11
CA ALA A 102 -21.33 -9.26 3.92
C ALA A 102 -22.05 -9.69 2.65
N LEU A 103 -22.67 -10.89 2.68
CA LEU A 103 -23.39 -11.36 1.50
C LEU A 103 -24.58 -10.47 1.19
N PHE A 104 -25.30 -10.04 2.21
CA PHE A 104 -26.42 -9.15 1.93
C PHE A 104 -25.96 -7.79 1.45
N GLU A 105 -24.83 -7.27 1.95
CA GLU A 105 -24.41 -5.95 1.49
C GLU A 105 -24.02 -6.00 0.02
N ASP A 106 -23.35 -7.08 -0.39
CA ASP A 106 -22.98 -7.20 -1.79
C ASP A 106 -24.21 -7.40 -2.68
N THR A 107 -25.19 -8.16 -2.20
CA THR A 107 -26.33 -8.36 -3.07
C THR A 107 -27.22 -7.13 -3.13
N ASN A 108 -27.18 -6.27 -2.11
CA ASN A 108 -27.89 -5.00 -2.23
C ASN A 108 -27.23 -4.11 -3.25
N LEU A 109 -25.89 -4.11 -3.28
CA LEU A 109 -25.21 -3.22 -4.22
C LEU A 109 -25.44 -3.68 -5.66
N CYS A 110 -25.41 -5.00 -5.88
CA CYS A 110 -25.63 -5.46 -7.24
C CYS A 110 -27.10 -5.35 -7.64
N ALA A 111 -27.99 -5.37 -6.65
CA ALA A 111 -29.37 -5.08 -6.96
C ALA A 111 -29.56 -3.64 -7.39
N ILE A 112 -28.84 -2.71 -6.74
CA ILE A 112 -28.92 -1.30 -7.10
C ILE A 112 -28.42 -1.09 -8.52
N HIS A 113 -27.46 -1.93 -8.96
CA HIS A 113 -26.86 -1.80 -10.28
C HIS A 113 -27.86 -1.88 -11.42
N ALA A 114 -28.93 -2.65 -11.27
CA ALA A 114 -29.89 -2.84 -12.36
C ALA A 114 -31.13 -1.97 -12.20
N LYS A 115 -31.00 -0.82 -11.54
CA LYS A 115 -32.05 0.20 -11.42
C LYS A 115 -33.32 -0.32 -10.77
N ARG A 116 -33.18 -1.35 -9.95
CA ARG A 116 -34.25 -1.94 -9.17
C ARG A 116 -33.84 -1.85 -7.70
N VAL A 117 -34.80 -1.59 -6.81
CA VAL A 117 -34.38 -1.18 -5.47
C VAL A 117 -34.85 -2.25 -4.49
N THR A 118 -34.88 -3.49 -4.93
CA THR A 118 -35.32 -4.58 -4.07
C THR A 118 -34.60 -5.84 -4.47
N ILE A 119 -34.10 -6.59 -3.49
CA ILE A 119 -33.37 -7.80 -3.80
C ILE A 119 -34.33 -8.87 -4.30
N MET A 120 -33.80 -9.81 -5.07
CA MET A 120 -34.49 -10.89 -5.73
C MET A 120 -33.50 -12.05 -5.79
N PRO A 121 -33.98 -13.29 -5.94
CA PRO A 121 -33.06 -14.44 -5.84
C PRO A 121 -31.94 -14.48 -6.86
N LYS A 122 -32.15 -13.94 -8.05
CA LYS A 122 -31.03 -13.95 -8.99
C LYS A 122 -29.96 -12.94 -8.60
N ASP A 123 -30.28 -11.93 -7.79
CA ASP A 123 -29.23 -11.05 -7.28
C ASP A 123 -28.34 -11.77 -6.27
N ILE A 124 -28.93 -12.55 -5.36
CA ILE A 124 -28.07 -13.26 -4.42
C ILE A 124 -27.32 -14.37 -5.13
N GLN A 125 -27.89 -14.91 -6.22
CA GLN A 125 -27.14 -15.89 -7.00
C GLN A 125 -25.97 -15.26 -7.73
N LEU A 126 -26.15 -14.05 -8.28
CA LEU A 126 -25.05 -13.39 -8.98
C LEU A 126 -23.94 -13.02 -8.03
N ALA A 127 -24.28 -12.45 -6.87
CA ALA A 127 -23.24 -12.08 -5.94
C ALA A 127 -22.60 -13.30 -5.31
N ARG A 128 -23.30 -14.42 -5.29
CA ARG A 128 -22.59 -15.61 -4.82
C ARG A 128 -21.71 -16.17 -5.92
N ARG A 129 -22.15 -16.11 -7.18
CA ARG A 129 -21.47 -16.80 -8.25
C ARG A 129 -20.23 -16.05 -8.70
N ILE A 130 -20.19 -14.73 -8.46
CA ILE A 130 -19.00 -13.97 -8.80
C ILE A 130 -17.85 -14.30 -7.86
N ARG A 131 -18.15 -14.44 -6.57
CA ARG A 131 -17.13 -14.41 -5.52
C ARG A 131 -16.18 -15.58 -5.57
N GLY A 132 -16.65 -16.76 -5.97
CA GLY A 132 -15.75 -17.88 -6.12
C GLY A 132 -16.16 -19.13 -5.36
N GLU A 133 -17.44 -19.27 -5.06
CA GLU A 133 -17.94 -20.49 -4.46
C GLU A 133 -18.04 -21.57 -5.51
N PRO B 38 -24.05 -5.74 -53.61
CA PRO B 38 -22.94 -6.07 -52.72
C PRO B 38 -23.27 -7.23 -51.79
N HIS B 39 -22.30 -7.71 -51.01
CA HIS B 39 -22.55 -8.73 -50.00
C HIS B 39 -22.22 -8.17 -48.63
N ARG B 40 -23.03 -8.54 -47.64
CA ARG B 40 -22.89 -8.00 -46.30
C ARG B 40 -23.49 -8.98 -45.31
N TYR B 41 -23.00 -8.93 -44.07
CA TYR B 41 -23.56 -9.69 -42.96
C TYR B 41 -24.46 -8.81 -42.11
N ARG B 42 -25.40 -9.43 -41.43
CA ARG B 42 -26.13 -8.71 -40.40
C ARG B 42 -25.20 -8.44 -39.22
N PRO B 43 -25.30 -7.27 -38.59
CA PRO B 43 -24.40 -6.95 -37.47
C PRO B 43 -24.66 -7.84 -36.27
N GLY B 44 -23.61 -8.49 -35.80
CA GLY B 44 -23.69 -9.33 -34.63
C GLY B 44 -23.11 -10.71 -34.82
N THR B 45 -23.33 -11.30 -35.99
CA THR B 45 -22.91 -12.68 -36.15
C THR B 45 -21.42 -12.80 -36.44
N VAL B 46 -20.79 -11.74 -36.98
CA VAL B 46 -19.35 -11.77 -37.21
C VAL B 46 -18.63 -11.80 -35.89
N ALA B 47 -19.16 -11.09 -34.90
CA ALA B 47 -18.64 -11.19 -33.55
C ALA B 47 -18.77 -12.60 -32.99
N LEU B 48 -19.88 -13.26 -33.30
CA LEU B 48 -20.03 -14.62 -32.81
C LEU B 48 -19.07 -15.58 -33.52
N ARG B 49 -18.75 -15.29 -34.78
CA ARG B 49 -17.71 -16.05 -35.46
C ARG B 49 -16.37 -15.84 -34.79
N GLU B 50 -16.11 -14.62 -34.33
CA GLU B 50 -14.90 -14.35 -33.54
C GLU B 50 -14.90 -15.13 -32.24
N ILE B 51 -16.07 -15.30 -31.62
CA ILE B 51 -16.15 -16.08 -30.39
C ILE B 51 -15.82 -17.53 -30.65
N ARG B 52 -16.43 -18.10 -31.68
CA ARG B 52 -16.19 -19.51 -31.97
C ARG B 52 -14.80 -19.77 -32.50
N ARG B 53 -14.11 -18.75 -33.03
CA ARG B 53 -12.74 -18.99 -33.48
C ARG B 53 -11.73 -18.81 -32.35
N TYR B 54 -11.78 -17.68 -31.65
CA TYR B 54 -10.72 -17.37 -30.70
C TYR B 54 -10.75 -18.25 -29.47
N GLN B 55 -11.91 -18.81 -29.15
CA GLN B 55 -11.98 -19.71 -28.02
C GLN B 55 -11.26 -21.01 -28.27
N LYS B 56 -11.22 -21.47 -29.51
CA LYS B 56 -10.57 -22.74 -29.78
C LYS B 56 -9.06 -22.60 -29.76
N SER B 57 -8.55 -21.49 -30.27
CA SER B 57 -7.11 -21.32 -30.37
C SER B 57 -6.50 -20.98 -29.01
N THR B 58 -5.28 -21.43 -28.81
CA THR B 58 -4.54 -21.16 -27.58
C THR B 58 -3.22 -20.50 -27.94
N GLU B 59 -3.27 -19.20 -28.16
CA GLU B 59 -2.09 -18.40 -28.43
C GLU B 59 -2.23 -17.12 -27.64
N LEU B 60 -1.12 -16.40 -27.52
CA LEU B 60 -1.20 -15.14 -26.80
C LEU B 60 -1.93 -14.11 -27.64
N LEU B 61 -2.35 -13.03 -27.01
CA LEU B 61 -3.18 -12.07 -27.71
C LEU B 61 -2.53 -10.71 -27.88
N ILE B 62 -1.99 -10.15 -26.82
CA ILE B 62 -1.37 -8.84 -26.93
C ILE B 62 0.00 -9.00 -27.54
N ARG B 63 0.32 -8.16 -28.53
CA ARG B 63 1.61 -8.24 -29.19
C ARG B 63 2.74 -7.85 -28.24
N LYS B 64 3.89 -8.52 -28.39
CA LYS B 64 4.85 -8.66 -27.29
C LYS B 64 5.63 -7.38 -26.98
N LEU B 65 6.13 -6.70 -28.00
CA LEU B 65 7.01 -5.55 -27.79
C LEU B 65 6.41 -4.40 -26.98
N PRO B 66 5.14 -4.00 -27.14
CA PRO B 66 4.62 -2.98 -26.21
C PRO B 66 4.51 -3.47 -24.80
N PHE B 67 4.24 -4.76 -24.60
CA PHE B 67 4.17 -5.32 -23.26
C PHE B 67 5.52 -5.25 -22.57
N GLN B 68 6.58 -5.60 -23.29
CA GLN B 68 7.93 -5.52 -22.75
C GLN B 68 8.33 -4.07 -22.47
N ARG B 69 7.89 -3.15 -23.33
CA ARG B 69 8.08 -1.73 -23.06
C ARG B 69 7.39 -1.30 -21.76
N LEU B 70 6.19 -1.82 -21.52
CA LEU B 70 5.44 -1.42 -20.33
C LEU B 70 6.11 -1.92 -19.06
N VAL B 71 6.60 -3.16 -19.09
CA VAL B 71 7.29 -3.70 -17.93
C VAL B 71 8.57 -2.93 -17.66
N ARG B 72 9.29 -2.54 -18.73
CA ARG B 72 10.50 -1.76 -18.53
C ARG B 72 10.21 -0.38 -17.96
N GLU B 73 9.07 0.22 -18.32
CA GLU B 73 8.76 1.56 -17.80
C GLU B 73 8.43 1.52 -16.32
N ILE B 74 7.55 0.59 -15.91
CA ILE B 74 7.18 0.59 -14.51
C ILE B 74 8.34 0.09 -13.64
N ALA B 75 9.19 -0.77 -14.20
CA ALA B 75 10.41 -1.12 -13.52
C ALA B 75 11.36 0.07 -13.39
N GLN B 76 11.38 0.96 -14.39
CA GLN B 76 12.17 2.19 -14.28
C GLN B 76 11.65 3.07 -13.16
N ASP B 77 10.33 3.05 -12.95
CA ASP B 77 9.78 3.92 -11.92
C ASP B 77 10.04 3.37 -10.52
N PHE B 78 10.16 2.04 -10.37
CA PHE B 78 10.40 1.56 -9.00
C PHE B 78 11.88 1.53 -8.63
N LYS B 79 12.77 1.42 -9.60
CA LYS B 79 14.20 1.35 -9.33
C LYS B 79 14.92 1.76 -10.60
N THR B 80 16.20 2.10 -10.47
CA THR B 80 17.01 2.52 -11.61
C THR B 80 17.62 1.28 -12.27
N ASP B 81 17.29 1.09 -13.55
CA ASP B 81 18.08 0.30 -14.49
C ASP B 81 18.17 -1.18 -14.10
N LEU B 82 17.04 -1.87 -14.17
CA LEU B 82 17.06 -3.31 -14.01
C LEU B 82 17.40 -3.99 -15.33
N ARG B 83 17.46 -5.31 -15.33
CA ARG B 83 17.45 -6.08 -16.56
C ARG B 83 16.51 -7.26 -16.39
N PHE B 84 15.93 -7.71 -17.50
CA PHE B 84 14.91 -8.74 -17.49
C PHE B 84 15.30 -9.91 -18.37
N GLN B 85 15.09 -11.13 -17.87
CA GLN B 85 15.20 -12.32 -18.69
C GLN B 85 13.88 -12.58 -19.41
N SER B 86 13.94 -13.41 -20.44
CA SER B 86 12.81 -13.57 -21.33
C SER B 86 11.67 -14.32 -20.64
N SER B 87 12.02 -15.34 -19.87
CA SER B 87 11.02 -16.21 -19.26
C SER B 87 10.12 -15.48 -18.28
N ALA B 88 10.68 -14.50 -17.58
CA ALA B 88 9.87 -13.70 -16.67
C ALA B 88 8.86 -12.85 -17.42
N VAL B 89 9.27 -12.30 -18.55
CA VAL B 89 8.37 -11.47 -19.34
C VAL B 89 7.23 -12.31 -19.89
N MET B 90 7.53 -13.52 -20.35
CA MET B 90 6.46 -14.38 -20.86
C MET B 90 5.52 -14.84 -19.75
N ALA B 91 6.07 -15.10 -18.56
CA ALA B 91 5.24 -15.50 -17.43
C ALA B 91 4.29 -14.39 -17.00
N LEU B 92 4.81 -13.16 -16.91
CA LEU B 92 3.97 -12.00 -16.57
C LEU B 92 2.88 -11.79 -17.59
N GLN B 93 3.18 -12.03 -18.87
CA GLN B 93 2.17 -11.87 -19.89
C GLN B 93 1.07 -12.91 -19.76
N GLU B 94 1.45 -14.15 -19.44
CA GLU B 94 0.46 -15.21 -19.26
C GLU B 94 -0.47 -14.90 -18.10
N ALA B 95 0.10 -14.51 -16.97
CA ALA B 95 -0.73 -14.20 -15.80
C ALA B 95 -1.60 -12.98 -16.03
N SER B 96 -1.09 -12.01 -16.80
CA SER B 96 -1.86 -10.81 -17.08
C SER B 96 -3.06 -11.13 -17.95
N GLU B 97 -2.87 -12.00 -18.94
CA GLU B 97 -4.01 -12.37 -19.77
C GLU B 97 -5.03 -13.18 -18.99
N ALA B 98 -4.57 -13.98 -18.02
CA ALA B 98 -5.50 -14.70 -17.15
C ALA B 98 -6.36 -13.75 -16.34
N TYR B 99 -5.73 -12.74 -15.73
CA TYR B 99 -6.45 -11.77 -14.91
C TYR B 99 -7.49 -11.02 -15.73
N LEU B 100 -7.10 -10.58 -16.93
CA LEU B 100 -8.05 -9.82 -17.74
C LEU B 100 -9.19 -10.69 -18.26
N VAL B 101 -8.91 -11.95 -18.61
CA VAL B 101 -9.99 -12.76 -19.17
C VAL B 101 -11.00 -13.16 -18.11
N ALA B 102 -10.54 -13.36 -16.87
CA ALA B 102 -11.49 -13.71 -15.82
C ALA B 102 -12.35 -12.52 -15.45
N LEU B 103 -11.75 -11.33 -15.36
CA LEU B 103 -12.54 -10.15 -15.03
C LEU B 103 -13.54 -9.83 -16.14
N PHE B 104 -13.16 -10.07 -17.40
CA PHE B 104 -14.12 -9.81 -18.47
C PHE B 104 -15.29 -10.76 -18.44
N GLU B 105 -15.06 -12.05 -18.14
CA GLU B 105 -16.21 -12.96 -18.10
C GLU B 105 -17.14 -12.62 -16.94
N ASP B 106 -16.55 -12.17 -15.82
CA ASP B 106 -17.39 -11.74 -14.70
C ASP B 106 -18.22 -10.52 -15.07
N THR B 107 -17.64 -9.60 -15.83
CA THR B 107 -18.40 -8.43 -16.24
C THR B 107 -19.50 -8.79 -17.21
N ASN B 108 -19.29 -9.82 -18.02
CA ASN B 108 -20.34 -10.22 -18.95
C ASN B 108 -21.55 -10.77 -18.20
N LEU B 109 -21.30 -11.60 -17.18
CA LEU B 109 -22.42 -12.03 -16.33
C LEU B 109 -23.08 -10.85 -15.63
N CYS B 110 -22.25 -9.90 -15.19
CA CYS B 110 -22.75 -8.71 -14.52
C CYS B 110 -23.66 -7.90 -15.42
N ALA B 111 -23.29 -7.74 -16.68
CA ALA B 111 -24.11 -6.96 -17.57
C ALA B 111 -25.35 -7.72 -18.01
N ILE B 112 -25.28 -9.05 -18.05
CA ILE B 112 -26.48 -9.82 -18.41
C ILE B 112 -27.54 -9.67 -17.33
N HIS B 113 -27.11 -9.43 -16.08
CA HIS B 113 -28.07 -9.24 -14.99
C HIS B 113 -29.00 -8.03 -15.15
N ALA B 114 -28.74 -7.10 -16.03
CA ALA B 114 -29.53 -5.87 -16.07
C ALA B 114 -30.28 -5.69 -17.39
N LYS B 115 -30.65 -6.81 -18.04
CA LYS B 115 -31.41 -6.83 -19.29
C LYS B 115 -30.71 -6.08 -20.42
N ARG B 116 -29.39 -5.97 -20.35
CA ARG B 116 -28.59 -5.35 -21.40
C ARG B 116 -27.54 -6.35 -21.83
N VAL B 117 -27.07 -6.22 -23.07
CA VAL B 117 -26.13 -7.20 -23.58
C VAL B 117 -24.85 -6.51 -24.00
N THR B 118 -24.50 -5.42 -23.34
CA THR B 118 -23.29 -4.70 -23.66
C THR B 118 -22.67 -4.19 -22.38
N ILE B 119 -21.36 -4.37 -22.22
CA ILE B 119 -20.72 -3.96 -21.00
C ILE B 119 -20.60 -2.44 -20.95
N MET B 120 -20.42 -1.93 -19.74
CA MET B 120 -20.37 -0.51 -19.45
C MET B 120 -19.45 -0.32 -18.26
N PRO B 121 -18.94 0.90 -18.02
CA PRO B 121 -18.04 1.09 -16.88
C PRO B 121 -18.68 0.83 -15.53
N LYS B 122 -19.99 1.09 -15.41
CA LYS B 122 -20.71 0.69 -14.21
C LYS B 122 -20.65 -0.82 -14.03
N ASP B 123 -20.68 -1.58 -15.12
CA ASP B 123 -20.65 -3.02 -15.01
C ASP B 123 -19.29 -3.53 -14.56
N ILE B 124 -18.21 -2.94 -15.07
CA ILE B 124 -16.90 -3.41 -14.64
C ILE B 124 -16.62 -2.97 -13.22
N GLN B 125 -17.19 -1.84 -12.78
CA GLN B 125 -16.98 -1.48 -11.39
C GLN B 125 -17.79 -2.33 -10.44
N LEU B 126 -19.02 -2.70 -10.81
CA LEU B 126 -19.80 -3.62 -10.00
C LEU B 126 -19.11 -4.97 -9.90
N ALA B 127 -18.48 -5.40 -10.99
CA ALA B 127 -17.69 -6.60 -10.90
C ALA B 127 -16.43 -6.40 -10.07
N ARG B 128 -16.02 -5.17 -9.85
CA ARG B 128 -14.80 -5.05 -9.07
C ARG B 128 -15.02 -5.04 -7.57
N ARG B 129 -16.08 -4.41 -7.05
CA ARG B 129 -16.22 -4.31 -5.61
C ARG B 129 -16.81 -5.57 -4.97
N ILE B 130 -16.75 -6.70 -5.64
CA ILE B 130 -17.12 -7.96 -5.03
C ILE B 130 -15.91 -8.84 -4.79
N ARG B 131 -14.90 -8.80 -5.64
CA ARG B 131 -13.68 -9.57 -5.42
C ARG B 131 -12.87 -9.05 -4.25
N GLY B 132 -13.07 -7.81 -3.83
CA GLY B 132 -12.34 -7.27 -2.70
C GLY B 132 -11.18 -6.38 -3.06
N GLU B 133 -11.39 -5.44 -3.98
CA GLU B 133 -10.36 -4.49 -4.35
C GLU B 133 -10.74 -3.09 -3.91
N ASN C 25 -36.21 -27.93 12.07
CA ASN C 25 -34.80 -27.94 12.44
C ASN C 25 -34.11 -26.70 11.90
N ILE C 26 -34.33 -26.40 10.63
CA ILE C 26 -33.85 -25.13 10.08
C ILE C 26 -34.81 -24.01 10.40
N GLN C 27 -36.06 -24.32 10.73
CA GLN C 27 -37.11 -23.32 10.86
C GLN C 27 -37.03 -22.53 12.17
N GLY C 28 -35.90 -22.54 12.89
CA GLY C 28 -35.71 -21.59 13.95
C GLY C 28 -35.19 -20.27 13.45
N ILE C 29 -34.50 -20.27 12.32
CA ILE C 29 -34.04 -19.02 11.73
C ILE C 29 -35.23 -18.40 11.03
N THR C 30 -35.98 -17.59 11.77
CA THR C 30 -37.28 -17.18 11.30
C THR C 30 -37.20 -16.00 10.36
N LYS C 31 -38.39 -15.59 9.90
CA LYS C 31 -38.48 -14.54 8.90
C LYS C 31 -38.03 -13.17 9.40
N PRO C 32 -38.47 -12.67 10.57
CA PRO C 32 -37.91 -11.39 11.03
C PRO C 32 -36.45 -11.45 11.39
N ALA C 33 -35.93 -12.65 11.68
CA ALA C 33 -34.51 -12.76 11.94
C ALA C 33 -33.69 -12.48 10.69
N ILE C 34 -34.00 -13.15 9.59
CA ILE C 34 -33.23 -12.93 8.38
C ILE C 34 -33.49 -11.55 7.83
N ARG C 35 -34.69 -11.00 8.08
CA ARG C 35 -34.90 -9.60 7.73
C ARG C 35 -33.97 -8.69 8.53
N ARG C 36 -33.77 -8.97 9.82
CA ARG C 36 -32.89 -8.15 10.64
C ARG C 36 -31.45 -8.22 10.15
N LEU C 37 -30.99 -9.43 9.85
CA LEU C 37 -29.64 -9.58 9.34
C LEU C 37 -29.48 -8.86 8.02
N ALA C 38 -30.53 -8.84 7.19
CA ALA C 38 -30.45 -8.06 5.97
C ALA C 38 -30.51 -6.57 6.26
N ARG C 39 -31.15 -6.18 7.36
CA ARG C 39 -31.21 -4.77 7.70
C ARG C 39 -29.83 -4.25 8.03
N ARG C 40 -29.01 -5.10 8.65
CA ARG C 40 -27.67 -4.69 9.05
C ARG C 40 -26.85 -4.24 7.86
N GLY C 41 -27.01 -4.92 6.73
CA GLY C 41 -26.25 -4.56 5.55
C GLY C 41 -26.80 -3.34 4.87
N GLY C 42 -28.12 -3.19 4.87
CA GLY C 42 -28.67 -1.98 4.29
C GLY C 42 -29.57 -2.14 3.09
N VAL C 43 -30.34 -3.20 3.05
CA VAL C 43 -31.47 -3.21 2.13
C VAL C 43 -32.60 -2.40 2.75
N LYS C 44 -33.60 -2.13 1.94
CA LYS C 44 -34.82 -1.54 2.47
C LYS C 44 -36.00 -2.47 2.34
N ARG C 45 -36.19 -3.05 1.16
CA ARG C 45 -37.36 -3.85 0.84
C ARG C 45 -36.90 -5.25 0.51
N ILE C 46 -37.60 -6.26 1.00
CA ILE C 46 -37.32 -7.63 0.60
C ILE C 46 -38.61 -8.26 0.12
N SER C 47 -38.49 -9.15 -0.86
CA SER C 47 -39.66 -9.78 -1.48
C SER C 47 -39.78 -11.23 -1.03
N GLY C 48 -40.91 -11.83 -1.40
CA GLY C 48 -41.32 -13.06 -0.77
C GLY C 48 -40.64 -14.34 -1.22
N LEU C 49 -39.39 -14.27 -1.61
CA LEU C 49 -38.71 -15.50 -1.99
C LEU C 49 -37.28 -15.59 -1.51
N ILE C 50 -36.78 -14.62 -0.75
CA ILE C 50 -35.37 -14.63 -0.37
C ILE C 50 -35.08 -15.68 0.68
N TYR C 51 -36.11 -16.08 1.43
CA TYR C 51 -35.91 -16.82 2.68
C TYR C 51 -35.35 -18.22 2.44
N GLU C 52 -35.81 -18.88 1.36
CA GLU C 52 -35.30 -20.21 1.05
C GLU C 52 -33.84 -20.18 0.64
N GLU C 53 -33.46 -19.19 -0.15
CA GLU C 53 -32.07 -19.10 -0.57
C GLU C 53 -31.16 -18.74 0.59
N THR C 54 -31.63 -17.90 1.51
CA THR C 54 -30.82 -17.58 2.68
C THR C 54 -30.61 -18.80 3.55
N ARG C 55 -31.67 -19.58 3.76
CA ARG C 55 -31.54 -20.82 4.51
C ARG C 55 -30.59 -21.78 3.83
N GLY C 56 -30.59 -21.80 2.49
CA GLY C 56 -29.70 -22.70 1.78
C GLY C 56 -28.24 -22.32 1.90
N VAL C 57 -27.93 -21.03 1.76
CA VAL C 57 -26.54 -20.60 1.88
C VAL C 57 -26.05 -20.79 3.30
N LEU C 58 -26.92 -20.56 4.29
CA LEU C 58 -26.53 -20.83 5.67
C LEU C 58 -26.27 -22.31 5.89
N LYS C 59 -27.04 -23.17 5.21
CA LYS C 59 -26.86 -24.61 5.37
C LYS C 59 -25.52 -25.06 4.80
N VAL C 60 -25.17 -24.59 3.60
CA VAL C 60 -23.93 -25.03 2.97
C VAL C 60 -22.72 -24.50 3.75
N PHE C 61 -22.80 -23.25 4.21
CA PHE C 61 -21.71 -22.65 4.98
C PHE C 61 -21.48 -23.40 6.29
N LEU C 62 -22.55 -23.64 7.04
CA LEU C 62 -22.41 -24.35 8.30
C LEU C 62 -21.96 -25.78 8.08
N GLU C 63 -22.35 -26.40 6.96
CA GLU C 63 -21.90 -27.77 6.69
C GLU C 63 -20.40 -27.84 6.49
N ASN C 64 -19.85 -26.91 5.70
CA ASN C 64 -18.41 -26.93 5.46
C ASN C 64 -17.62 -26.66 6.74
N VAL C 65 -18.05 -25.65 7.50
CA VAL C 65 -17.26 -25.29 8.69
C VAL C 65 -17.35 -26.37 9.76
N ILE C 66 -18.53 -26.97 9.93
CA ILE C 66 -18.68 -28.01 10.94
C ILE C 66 -17.88 -29.25 10.56
N ARG C 67 -17.84 -29.62 9.27
CA ARG C 67 -17.06 -30.79 8.87
C ARG C 67 -15.58 -30.59 9.17
N ASP C 68 -15.06 -29.39 8.86
CA ASP C 68 -13.65 -29.14 9.15
C ASP C 68 -13.39 -29.10 10.65
N ALA C 69 -14.36 -28.57 11.42
CA ALA C 69 -14.17 -28.46 12.85
C ALA C 69 -14.15 -29.83 13.52
N VAL C 70 -15.11 -30.69 13.17
CA VAL C 70 -15.13 -31.99 13.82
C VAL C 70 -14.02 -32.88 13.28
N THR C 71 -13.45 -32.58 12.12
CA THR C 71 -12.25 -33.30 11.72
C THR C 71 -11.06 -32.94 12.59
N TYR C 72 -10.85 -31.64 12.85
CA TYR C 72 -9.83 -31.25 13.82
C TYR C 72 -10.14 -31.74 15.23
N THR C 73 -11.39 -32.03 15.52
CA THR C 73 -11.71 -32.68 16.77
C THR C 73 -11.23 -34.12 16.75
N GLU C 74 -11.64 -34.87 15.71
CA GLU C 74 -11.49 -36.32 15.69
C GLU C 74 -10.03 -36.72 15.59
N HIS C 75 -9.18 -35.83 15.07
CA HIS C 75 -7.77 -36.19 14.94
C HIS C 75 -7.09 -36.41 16.29
N ALA C 76 -7.32 -35.54 17.26
CA ALA C 76 -6.52 -35.59 18.46
C ALA C 76 -7.16 -36.38 19.59
N LYS C 77 -7.91 -37.42 19.26
CA LYS C 77 -8.40 -38.45 20.20
C LYS C 77 -9.32 -37.89 21.27
N ARG C 78 -9.85 -36.70 21.10
CA ARG C 78 -10.86 -36.20 22.01
C ARG C 78 -12.22 -36.65 21.52
N LYS C 79 -13.28 -36.15 22.13
CA LYS C 79 -14.62 -36.41 21.63
C LYS C 79 -15.49 -35.17 21.65
N THR C 80 -14.95 -34.02 22.03
CA THR C 80 -15.72 -32.80 22.15
C THR C 80 -15.00 -31.69 21.42
N VAL C 81 -15.75 -30.87 20.69
CA VAL C 81 -15.15 -29.74 19.98
C VAL C 81 -14.80 -28.69 21.00
N THR C 82 -14.01 -27.71 20.59
CA THR C 82 -13.77 -26.56 21.43
C THR C 82 -13.57 -25.35 20.55
N ALA C 83 -13.53 -24.18 21.22
CA ALA C 83 -13.42 -22.91 20.53
C ALA C 83 -12.12 -22.82 19.76
N MET C 84 -11.03 -23.31 20.37
CA MET C 84 -9.75 -23.31 19.69
C MET C 84 -9.79 -24.15 18.42
N ASP C 85 -10.49 -25.28 18.48
CA ASP C 85 -10.57 -26.11 17.29
C ASP C 85 -11.48 -25.50 16.24
N VAL C 86 -12.52 -24.78 16.65
CA VAL C 86 -13.37 -24.12 15.68
C VAL C 86 -12.62 -23.01 14.98
N VAL C 87 -11.80 -22.28 15.72
CA VAL C 87 -11.13 -21.18 15.04
C VAL C 87 -9.95 -21.68 14.20
N TYR C 88 -9.29 -22.79 14.60
CA TYR C 88 -8.28 -23.38 13.73
C TYR C 88 -8.90 -23.86 12.44
N ALA C 89 -10.11 -24.41 12.51
CA ALA C 89 -10.78 -24.85 11.30
C ALA C 89 -11.17 -23.66 10.44
N LEU C 90 -11.63 -22.59 11.06
CA LEU C 90 -12.02 -21.46 10.24
C LEU C 90 -10.84 -20.67 9.71
N LYS C 91 -9.61 -20.98 10.13
CA LYS C 91 -8.47 -20.28 9.55
C LYS C 91 -8.30 -20.62 8.07
N ARG C 92 -8.48 -21.88 7.70
CA ARG C 92 -8.05 -22.26 6.37
C ARG C 92 -9.07 -21.98 5.29
N GLN C 93 -10.27 -21.51 5.61
CA GLN C 93 -11.16 -21.07 4.54
C GLN C 93 -11.10 -19.58 4.31
N GLY C 94 -9.99 -18.92 4.65
CA GLY C 94 -9.83 -17.53 4.28
C GLY C 94 -10.64 -16.53 5.07
N ARG C 95 -11.44 -16.96 6.03
CA ARG C 95 -12.19 -16.08 6.92
C ARG C 95 -11.66 -16.33 8.32
N THR C 96 -10.55 -15.70 8.66
CA THR C 96 -10.00 -15.92 9.97
C THR C 96 -10.69 -15.03 11.00
N LEU C 97 -10.47 -15.36 12.26
CA LEU C 97 -11.30 -14.85 13.33
C LEU C 97 -10.46 -14.54 14.56
N TYR C 98 -10.67 -13.37 15.15
CA TYR C 98 -9.98 -12.98 16.36
C TYR C 98 -10.89 -13.24 17.55
N GLY C 99 -10.46 -12.81 18.73
CA GLY C 99 -11.35 -12.67 19.85
C GLY C 99 -11.72 -13.92 20.61
N PHE C 100 -11.07 -15.05 20.35
CA PHE C 100 -11.33 -16.21 21.19
C PHE C 100 -10.05 -17.01 21.45
N GLY C 101 -8.90 -16.44 21.21
CA GLY C 101 -7.66 -17.17 21.45
C GLY C 101 -7.25 -17.94 20.22
N GLY C 102 -6.00 -17.78 19.81
CA GLY C 102 -5.51 -18.44 18.62
C GLY C 102 -5.87 -17.69 17.36
N VAL D 21 15.43 8.01 -22.19
CA VAL D 21 14.31 7.95 -21.25
C VAL D 21 13.09 7.35 -21.95
N LEU D 22 12.09 6.97 -21.18
CA LEU D 22 10.88 6.34 -21.71
C LEU D 22 9.64 7.10 -21.24
N ARG D 23 8.63 7.14 -22.12
CA ARG D 23 7.37 7.81 -21.80
C ARG D 23 6.21 6.99 -22.37
N ASP D 24 5.05 7.16 -21.71
CA ASP D 24 3.69 6.80 -22.12
C ASP D 24 3.50 5.51 -22.93
N ASN D 25 4.15 4.44 -22.51
CA ASN D 25 3.99 3.17 -23.19
C ASN D 25 2.69 2.46 -22.88
N ILE D 26 1.77 3.08 -22.14
CA ILE D 26 0.51 2.44 -21.84
C ILE D 26 -0.38 2.41 -23.08
N GLN D 27 -0.09 3.23 -24.08
CA GLN D 27 -0.87 3.20 -25.30
C GLN D 27 -0.42 2.12 -26.27
N GLY D 28 0.50 1.26 -25.88
CA GLY D 28 0.84 0.13 -26.73
C GLY D 28 -0.22 -0.94 -26.71
N ILE D 29 -0.97 -1.03 -25.62
CA ILE D 29 -2.14 -1.89 -25.59
C ILE D 29 -3.17 -1.28 -26.52
N THR D 30 -3.41 -1.93 -27.64
CA THR D 30 -4.24 -1.30 -28.65
C THR D 30 -5.71 -1.57 -28.39
N LYS D 31 -6.54 -0.81 -29.09
CA LYS D 31 -7.97 -1.05 -29.04
C LYS D 31 -8.38 -2.41 -29.63
N PRO D 32 -7.89 -2.87 -30.80
CA PRO D 32 -8.26 -4.23 -31.22
C PRO D 32 -7.73 -5.32 -30.33
N ALA D 33 -6.66 -5.08 -29.58
CA ALA D 33 -6.17 -6.07 -28.65
C ALA D 33 -7.16 -6.32 -27.53
N ILE D 34 -7.65 -5.24 -26.91
CA ILE D 34 -8.59 -5.38 -25.81
C ILE D 34 -9.90 -5.95 -26.33
N ARG D 35 -10.28 -5.60 -27.57
CA ARG D 35 -11.47 -6.20 -28.16
C ARG D 35 -11.31 -7.71 -28.31
N ARG D 36 -10.12 -8.16 -28.72
CA ARG D 36 -9.90 -9.59 -28.88
C ARG D 36 -9.91 -10.31 -27.53
N LEU D 37 -9.38 -9.66 -26.50
CA LEU D 37 -9.43 -10.24 -25.16
C LEU D 37 -10.85 -10.42 -24.70
N ALA D 38 -11.67 -9.40 -24.90
CA ALA D 38 -13.05 -9.49 -24.48
C ALA D 38 -13.82 -10.48 -25.33
N ARG D 39 -13.35 -10.73 -26.57
CA ARG D 39 -13.89 -11.85 -27.31
C ARG D 39 -13.58 -13.16 -26.62
N ARG D 40 -12.37 -13.30 -26.08
CA ARG D 40 -12.04 -14.55 -25.39
C ARG D 40 -12.90 -14.74 -24.17
N GLY D 41 -13.28 -13.63 -23.53
CA GLY D 41 -14.18 -13.74 -22.40
C GLY D 41 -15.57 -14.19 -22.79
N GLY D 42 -16.16 -13.54 -23.78
CA GLY D 42 -17.50 -13.91 -24.15
C GLY D 42 -18.53 -12.79 -24.16
N VAL D 43 -18.10 -11.57 -24.38
CA VAL D 43 -19.07 -10.54 -24.66
C VAL D 43 -19.33 -10.55 -26.15
N LYS D 44 -20.37 -9.88 -26.59
CA LYS D 44 -20.63 -9.72 -28.01
C LYS D 44 -20.21 -8.34 -28.50
N ARG D 45 -20.54 -7.31 -27.74
CA ARG D 45 -20.41 -5.95 -28.19
C ARG D 45 -19.81 -5.12 -27.07
N ILE D 46 -18.91 -4.21 -27.39
CA ILE D 46 -18.28 -3.37 -26.39
C ILE D 46 -18.55 -1.91 -26.70
N SER D 47 -18.75 -1.13 -25.66
CA SER D 47 -19.06 0.29 -25.83
C SER D 47 -17.81 1.12 -25.76
N GLY D 48 -17.91 2.33 -26.29
CA GLY D 48 -16.77 3.19 -26.48
C GLY D 48 -16.24 3.89 -25.24
N LEU D 49 -16.46 3.33 -24.06
CA LEU D 49 -15.89 3.91 -22.87
C LEU D 49 -15.38 2.83 -21.95
N ILE D 50 -14.78 1.79 -22.52
CA ILE D 50 -14.20 0.74 -21.70
C ILE D 50 -12.68 0.77 -21.74
N TYR D 51 -12.09 1.35 -22.79
CA TYR D 51 -10.66 1.27 -23.02
C TYR D 51 -9.86 1.98 -21.93
N GLU D 52 -10.38 3.09 -21.40
CA GLU D 52 -9.69 3.81 -20.34
C GLU D 52 -9.65 3.00 -19.05
N GLU D 53 -10.81 2.48 -18.63
CA GLU D 53 -10.85 1.69 -17.41
C GLU D 53 -10.06 0.39 -17.55
N THR D 54 -10.06 -0.18 -18.75
CA THR D 54 -9.32 -1.42 -18.97
C THR D 54 -7.83 -1.19 -18.85
N ARG D 55 -7.34 -0.09 -19.46
CA ARG D 55 -5.93 0.25 -19.33
C ARG D 55 -5.57 0.55 -17.88
N GLY D 56 -6.49 1.17 -17.13
CA GLY D 56 -6.22 1.44 -15.73
C GLY D 56 -6.12 0.19 -14.88
N VAL D 57 -7.00 -0.78 -15.14
CA VAL D 57 -6.97 -2.03 -14.39
C VAL D 57 -5.69 -2.79 -14.68
N LEU D 58 -5.28 -2.82 -15.95
CA LEU D 58 -4.02 -3.47 -16.29
C LEU D 58 -2.84 -2.77 -15.64
N LYS D 59 -2.92 -1.44 -15.49
CA LYS D 59 -1.81 -0.72 -14.89
C LYS D 59 -1.70 -0.99 -13.40
N VAL D 60 -2.83 -1.02 -12.68
CA VAL D 60 -2.73 -1.23 -11.23
C VAL D 60 -2.31 -2.67 -10.93
N PHE D 61 -2.76 -3.63 -11.74
CA PHE D 61 -2.34 -5.02 -11.55
C PHE D 61 -0.85 -5.18 -11.78
N LEU D 62 -0.36 -4.64 -12.90
CA LEU D 62 1.07 -4.77 -13.19
C LEU D 62 1.91 -4.02 -12.19
N GLU D 63 1.38 -2.91 -11.64
CA GLU D 63 2.10 -2.16 -10.62
C GLU D 63 2.31 -2.99 -9.36
N ASN D 64 1.23 -3.61 -8.86
CA ASN D 64 1.33 -4.44 -7.65
C ASN D 64 2.30 -5.61 -7.84
N VAL D 65 2.11 -6.38 -8.92
CA VAL D 65 2.89 -7.60 -9.05
C VAL D 65 4.34 -7.29 -9.34
N ILE D 66 4.60 -6.29 -10.18
CA ILE D 66 5.96 -6.00 -10.57
C ILE D 66 6.74 -5.38 -9.41
N ARG D 67 6.05 -4.60 -8.55
CA ARG D 67 6.73 -4.06 -7.38
C ARG D 67 7.14 -5.17 -6.43
N ASP D 68 6.24 -6.12 -6.19
CA ASP D 68 6.62 -7.22 -5.29
C ASP D 68 7.70 -8.09 -5.93
N ALA D 69 7.73 -8.13 -7.26
CA ALA D 69 8.77 -8.85 -7.97
C ALA D 69 10.13 -8.21 -7.76
N VAL D 70 10.21 -6.89 -7.88
CA VAL D 70 11.51 -6.24 -7.70
C VAL D 70 11.93 -6.27 -6.23
N THR D 71 10.97 -6.38 -5.32
CA THR D 71 11.34 -6.55 -3.92
C THR D 71 12.03 -7.88 -3.69
N TYR D 72 11.40 -8.98 -4.17
CA TYR D 72 12.06 -10.29 -4.14
C TYR D 72 13.34 -10.33 -4.96
N THR D 73 13.49 -9.43 -5.93
CA THR D 73 14.74 -9.33 -6.65
C THR D 73 15.82 -8.76 -5.77
N GLU D 74 15.62 -7.54 -5.29
CA GLU D 74 16.66 -6.84 -4.57
C GLU D 74 16.86 -7.35 -3.15
N HIS D 75 16.13 -8.39 -2.74
CA HIS D 75 16.43 -8.99 -1.44
C HIS D 75 17.82 -9.62 -1.40
N ALA D 76 18.18 -10.35 -2.44
CA ALA D 76 19.40 -11.15 -2.40
C ALA D 76 20.45 -10.65 -3.40
N LYS D 77 20.46 -9.34 -3.64
CA LYS D 77 21.55 -8.62 -4.29
C LYS D 77 21.76 -8.98 -5.76
N ARG D 78 20.93 -9.84 -6.34
CA ARG D 78 21.00 -10.11 -7.77
C ARG D 78 20.30 -8.95 -8.48
N LYS D 79 21.05 -8.21 -9.28
CA LYS D 79 20.52 -6.99 -9.87
C LYS D 79 19.57 -7.23 -11.03
N THR D 80 19.30 -8.47 -11.38
CA THR D 80 18.43 -8.82 -12.49
C THR D 80 17.30 -9.70 -12.01
N VAL D 81 16.10 -9.50 -12.53
CA VAL D 81 14.95 -10.30 -12.15
C VAL D 81 15.04 -11.62 -12.89
N THR D 82 14.78 -12.71 -12.18
CA THR D 82 14.57 -13.99 -12.83
C THR D 82 13.09 -14.35 -12.79
N ALA D 83 12.75 -15.38 -13.56
CA ALA D 83 11.36 -15.78 -13.67
C ALA D 83 10.87 -16.40 -12.37
N MET D 84 11.75 -17.10 -11.67
CA MET D 84 11.36 -17.80 -10.46
C MET D 84 10.92 -16.83 -9.36
N ASP D 85 11.56 -15.67 -9.29
CA ASP D 85 11.12 -14.67 -8.33
C ASP D 85 9.78 -14.07 -8.73
N VAL D 86 9.49 -14.01 -10.02
CA VAL D 86 8.18 -13.55 -10.45
C VAL D 86 7.11 -14.56 -10.07
N VAL D 87 7.46 -15.84 -10.13
CA VAL D 87 6.50 -16.86 -9.71
C VAL D 87 6.25 -16.79 -8.22
N TYR D 88 7.31 -16.58 -7.43
CA TYR D 88 7.14 -16.44 -5.98
C TYR D 88 6.25 -15.26 -5.65
N ALA D 89 6.52 -14.10 -6.26
CA ALA D 89 5.76 -12.91 -5.95
C ALA D 89 4.34 -12.99 -6.44
N LEU D 90 4.08 -13.77 -7.49
CA LEU D 90 2.70 -14.02 -7.83
C LEU D 90 2.05 -14.97 -6.82
N LYS D 91 2.82 -15.87 -6.23
CA LYS D 91 2.22 -16.75 -5.23
C LYS D 91 1.95 -16.04 -3.92
N ARG D 92 2.62 -14.89 -3.69
CA ARG D 92 2.33 -14.13 -2.49
C ARG D 92 0.91 -13.57 -2.50
N GLN D 93 0.44 -13.14 -3.66
CA GLN D 93 -0.89 -12.55 -3.73
C GLN D 93 -2.01 -13.58 -3.77
N GLY D 94 -1.69 -14.85 -3.95
CA GLY D 94 -2.73 -15.84 -4.08
C GLY D 94 -3.21 -16.05 -5.49
N ARG D 95 -2.32 -15.91 -6.46
CA ARG D 95 -2.62 -16.07 -7.88
C ARG D 95 -1.58 -17.00 -8.49
N THR D 96 -1.41 -18.17 -7.86
CA THR D 96 -0.29 -19.04 -8.18
C THR D 96 -0.42 -19.61 -9.59
N LEU D 97 0.73 -20.01 -10.14
CA LEU D 97 0.87 -20.19 -11.57
C LEU D 97 1.98 -21.20 -11.84
N TYR D 98 1.65 -22.24 -12.58
CA TYR D 98 2.63 -23.28 -12.87
C TYR D 98 3.34 -22.90 -14.17
N GLY D 99 4.04 -23.86 -14.76
CA GLY D 99 4.54 -23.73 -16.10
C GLY D 99 5.89 -23.06 -16.24
N PHE D 100 6.57 -22.76 -15.15
CA PHE D 100 7.89 -22.18 -15.26
C PHE D 100 8.85 -22.69 -14.21
N GLY D 101 8.47 -23.69 -13.43
CA GLY D 101 9.37 -24.24 -12.45
C GLY D 101 9.16 -23.75 -11.04
N GLY D 102 8.07 -23.06 -10.76
CA GLY D 102 7.81 -22.58 -9.42
C GLY D 102 7.17 -23.63 -8.56
N ALA E 14 20.15 -55.49 -2.76
CA ALA E 14 19.36 -54.55 -1.98
C ALA E 14 18.08 -54.15 -2.73
N LYS E 15 16.97 -54.12 -2.01
CA LYS E 15 15.71 -53.74 -2.64
C LYS E 15 15.29 -52.35 -2.19
N THR E 16 14.90 -51.54 -3.17
CA THR E 16 14.44 -50.17 -2.97
C THR E 16 13.18 -50.13 -2.12
N ARG E 17 13.06 -49.05 -1.34
CA ARG E 17 11.90 -48.83 -0.48
C ARG E 17 10.62 -48.75 -1.29
N SER E 18 10.71 -48.21 -2.51
CA SER E 18 9.56 -48.08 -3.40
C SER E 18 8.94 -49.42 -3.72
N SER E 19 9.77 -50.40 -4.09
CA SER E 19 9.27 -51.73 -4.44
C SER E 19 8.55 -52.41 -3.28
N ARG E 20 9.06 -52.29 -2.05
CA ARG E 20 8.37 -52.87 -0.92
C ARG E 20 6.97 -52.31 -0.72
N ALA E 21 6.77 -51.05 -1.01
CA ALA E 21 5.45 -50.48 -0.85
C ALA E 21 4.61 -50.64 -2.09
N GLY E 22 5.19 -51.07 -3.20
CA GLY E 22 4.42 -51.23 -4.41
C GLY E 22 4.05 -49.91 -5.04
N LEU E 23 4.90 -48.91 -4.92
CA LEU E 23 4.63 -47.60 -5.46
C LEU E 23 5.62 -47.26 -6.55
N GLN E 24 5.22 -46.36 -7.44
CA GLN E 24 6.11 -45.89 -8.49
C GLN E 24 6.92 -44.67 -8.11
N PHE E 25 6.36 -43.76 -7.33
CA PHE E 25 7.07 -42.55 -6.93
C PHE E 25 8.23 -42.85 -5.98
N PRO E 26 9.30 -42.07 -6.07
CA PRO E 26 10.49 -42.32 -5.24
C PRO E 26 10.34 -41.99 -3.75
N VAL E 27 10.09 -43.03 -2.97
CA VAL E 27 9.95 -42.91 -1.53
C VAL E 27 11.17 -42.24 -0.92
N GLY E 28 12.37 -42.72 -1.25
CA GLY E 28 13.62 -42.17 -0.75
C GLY E 28 13.77 -40.67 -0.95
N ARG E 29 13.47 -40.20 -2.16
CA ARG E 29 13.57 -38.77 -2.44
C ARG E 29 12.57 -37.99 -1.60
N VAL E 30 11.37 -38.55 -1.43
CA VAL E 30 10.34 -37.89 -0.65
C VAL E 30 10.77 -37.78 0.81
N HIS E 31 11.45 -38.82 1.32
CA HIS E 31 11.97 -38.79 2.68
C HIS E 31 12.98 -37.67 2.85
N ARG E 32 13.92 -37.58 1.90
CA ARG E 32 14.95 -36.54 1.98
C ARG E 32 14.31 -35.15 1.95
N LEU E 33 13.41 -34.89 1.00
CA LEU E 33 12.74 -33.59 0.96
C LEU E 33 11.94 -33.30 2.22
N LEU E 34 11.27 -34.30 2.79
CA LEU E 34 10.51 -34.05 4.00
C LEU E 34 11.37 -33.67 5.19
N ARG E 35 12.50 -34.35 5.42
CA ARG E 35 13.32 -33.97 6.58
C ARG E 35 13.86 -32.54 6.47
N LYS E 36 14.39 -32.18 5.31
CA LYS E 36 14.97 -30.85 5.14
C LYS E 36 13.88 -29.87 4.75
N GLY E 37 13.66 -28.87 5.59
CA GLY E 37 12.65 -27.88 5.29
C GLY E 37 11.96 -27.38 6.54
N ASN E 38 12.39 -27.94 7.67
CA ASN E 38 11.88 -27.60 8.99
C ASN E 38 10.36 -27.77 9.16
N TYR E 39 9.83 -28.87 8.66
CA TYR E 39 8.41 -29.05 8.87
C TYR E 39 8.15 -29.65 10.22
N ALA E 40 9.07 -30.47 10.72
CA ALA E 40 8.93 -31.06 12.04
C ALA E 40 10.29 -31.52 12.49
N GLU E 41 10.44 -31.72 13.80
CA GLU E 41 11.71 -32.20 14.32
C GLU E 41 11.99 -33.61 13.88
N ARG E 42 10.97 -34.45 13.83
CA ARG E 42 11.09 -35.85 13.46
C ARG E 42 10.12 -36.25 12.35
N VAL E 43 10.47 -37.34 11.67
CA VAL E 43 9.65 -37.87 10.60
C VAL E 43 9.56 -39.38 10.79
N GLY E 44 8.33 -39.82 11.06
CA GLY E 44 8.04 -41.22 11.27
C GLY E 44 8.27 -42.08 10.06
N ALA E 45 8.39 -43.38 10.30
CA ALA E 45 8.63 -44.33 9.24
C ALA E 45 7.53 -44.40 8.21
N GLY E 46 6.27 -44.35 8.62
CA GLY E 46 5.21 -44.44 7.63
C GLY E 46 4.86 -43.25 6.77
N ALA E 47 5.16 -42.06 7.26
CA ALA E 47 4.83 -40.82 6.57
C ALA E 47 5.23 -40.64 5.10
N PRO E 48 6.50 -40.81 4.70
CA PRO E 48 6.82 -40.61 3.29
C PRO E 48 6.16 -41.59 2.35
N VAL E 49 5.83 -42.78 2.83
CA VAL E 49 5.19 -43.76 1.97
C VAL E 49 3.77 -43.33 1.66
N TYR E 50 3.03 -42.98 2.70
CA TYR E 50 1.66 -42.51 2.57
C TYR E 50 1.58 -41.30 1.65
N LEU E 51 2.44 -40.30 1.88
CA LEU E 51 2.39 -39.09 1.04
C LEU E 51 2.68 -39.42 -0.42
N ALA E 52 3.68 -40.28 -0.66
CA ALA E 52 4.00 -40.68 -2.02
C ALA E 52 2.81 -41.34 -2.69
N ALA E 53 2.12 -42.21 -1.95
CA ALA E 53 0.98 -42.91 -2.52
C ALA E 53 -0.14 -41.93 -2.88
N VAL E 54 -0.33 -40.90 -2.04
CA VAL E 54 -1.37 -39.91 -2.31
C VAL E 54 -1.02 -39.13 -3.57
N LEU E 55 0.26 -38.78 -3.71
CA LEU E 55 0.69 -38.03 -4.89
C LEU E 55 0.54 -38.88 -6.13
N GLU E 56 0.78 -40.19 -6.00
CA GLU E 56 0.67 -41.10 -7.13
C GLU E 56 -0.76 -41.18 -7.61
N TYR E 57 -1.70 -41.41 -6.67
CA TYR E 57 -3.10 -41.48 -7.06
C TYR E 57 -3.55 -40.19 -7.74
N LEU E 58 -3.22 -39.02 -7.16
CA LEU E 58 -3.66 -37.77 -7.77
C LEU E 58 -3.04 -37.54 -9.15
N THR E 59 -1.74 -37.83 -9.32
CA THR E 59 -1.12 -37.66 -10.64
C THR E 59 -1.77 -38.57 -11.67
N ALA E 60 -1.97 -39.84 -11.34
CA ALA E 60 -2.62 -40.76 -12.26
C ALA E 60 -4.02 -40.31 -12.65
N GLU E 61 -4.81 -39.83 -11.69
CA GLU E 61 -6.17 -39.36 -11.99
C GLU E 61 -6.17 -38.21 -12.99
N ILE E 62 -5.36 -37.18 -12.73
CA ILE E 62 -5.35 -36.04 -13.64
C ILE E 62 -4.76 -36.41 -15.00
N LEU E 63 -3.66 -37.19 -15.04
CA LEU E 63 -3.05 -37.58 -16.29
C LEU E 63 -3.98 -38.48 -17.10
N GLU E 64 -4.72 -39.34 -16.42
CA GLU E 64 -5.70 -40.24 -17.01
C GLU E 64 -6.74 -39.45 -17.78
N LEU E 65 -7.34 -38.46 -17.11
CA LEU E 65 -8.36 -37.66 -17.77
C LEU E 65 -7.75 -36.85 -18.90
N ALA E 66 -6.50 -36.41 -18.74
CA ALA E 66 -5.85 -35.64 -19.79
C ALA E 66 -5.66 -36.50 -21.04
N GLY E 67 -5.12 -37.71 -20.84
CA GLY E 67 -4.93 -38.63 -21.95
C GLY E 67 -6.23 -38.92 -22.67
N ASN E 68 -7.32 -39.11 -21.91
CA ASN E 68 -8.62 -39.35 -22.51
C ASN E 68 -9.04 -38.15 -23.34
N ALA E 69 -8.72 -36.96 -22.87
CA ALA E 69 -9.05 -35.73 -23.57
C ALA E 69 -8.23 -35.56 -24.84
N ALA E 70 -7.00 -36.02 -24.81
CA ALA E 70 -6.04 -35.95 -25.92
C ALA E 70 -6.46 -36.73 -27.15
N ARG E 71 -6.99 -37.93 -26.99
CA ARG E 71 -7.44 -38.80 -28.06
C ARG E 71 -8.46 -38.17 -29.01
N ASP E 72 -9.52 -37.55 -28.49
CA ASP E 72 -10.57 -36.93 -29.32
C ASP E 72 -10.04 -35.90 -30.32
N ASN E 73 -8.92 -35.25 -30.04
CA ASN E 73 -8.46 -34.27 -31.02
C ASN E 73 -7.54 -34.89 -32.06
N LYS E 74 -7.39 -36.22 -32.04
CA LYS E 74 -6.58 -36.98 -33.00
C LYS E 74 -5.09 -36.69 -32.88
N LYS E 75 -4.64 -36.54 -31.66
CA LYS E 75 -3.24 -36.27 -31.37
C LYS E 75 -2.77 -37.29 -30.35
N THR E 76 -1.52 -37.70 -30.46
CA THR E 76 -0.97 -38.69 -29.55
C THR E 76 -0.10 -38.06 -28.46
N ARG E 77 0.23 -36.79 -28.59
CA ARG E 77 1.03 -36.12 -27.58
C ARG E 77 0.18 -35.09 -26.85
N ILE E 78 0.12 -35.20 -25.53
CA ILE E 78 -0.62 -34.31 -24.67
C ILE E 78 0.10 -32.98 -24.72
N ILE E 79 -0.65 -31.92 -25.01
CA ILE E 79 -0.06 -30.59 -25.05
C ILE E 79 -0.83 -29.86 -23.95
N PRO E 80 -0.50 -28.62 -23.54
CA PRO E 80 -1.26 -27.95 -22.46
C PRO E 80 -2.76 -27.84 -22.60
N ARG E 81 -3.29 -27.53 -23.78
CA ARG E 81 -4.74 -27.42 -23.99
C ARG E 81 -5.52 -28.62 -23.46
N HIS E 82 -5.04 -29.83 -23.75
CA HIS E 82 -5.73 -31.02 -23.28
C HIS E 82 -5.71 -31.12 -21.77
N LEU E 83 -4.60 -30.70 -21.15
CA LEU E 83 -4.50 -30.72 -19.71
C LEU E 83 -5.48 -29.75 -19.09
N GLN E 84 -5.59 -28.56 -19.68
CA GLN E 84 -6.52 -27.54 -19.19
C GLN E 84 -7.97 -28.01 -19.30
N LEU E 85 -8.34 -28.54 -20.47
CA LEU E 85 -9.69 -29.05 -20.70
C LEU E 85 -10.06 -30.18 -19.75
N ALA E 86 -9.13 -31.07 -19.45
CA ALA E 86 -9.42 -32.19 -18.57
C ALA E 86 -9.77 -31.81 -17.14
N VAL E 87 -9.06 -30.86 -16.55
CA VAL E 87 -9.32 -30.48 -15.17
C VAL E 87 -10.65 -29.75 -14.99
N ARG E 88 -10.92 -28.70 -15.75
CA ARG E 88 -12.15 -27.93 -15.57
C ARG E 88 -13.44 -28.62 -15.97
N ASN E 89 -13.43 -29.68 -16.77
CA ASN E 89 -14.71 -30.29 -17.06
C ASN E 89 -15.11 -31.33 -16.03
N ASP E 90 -14.26 -31.63 -15.07
CA ASP E 90 -14.55 -32.60 -14.03
C ASP E 90 -14.74 -31.77 -12.75
N GLU E 91 -15.97 -31.82 -12.21
CA GLU E 91 -16.43 -31.07 -11.04
C GLU E 91 -15.52 -31.11 -9.81
N GLU E 92 -15.06 -32.29 -9.38
CA GLU E 92 -14.28 -32.37 -8.15
C GLU E 92 -12.90 -31.76 -8.27
N LEU E 93 -12.18 -32.00 -9.34
CA LEU E 93 -10.85 -31.45 -9.57
C LEU E 93 -10.83 -29.93 -9.65
N ASN E 94 -11.89 -29.31 -10.16
CA ASN E 94 -12.01 -27.87 -10.33
C ASN E 94 -11.82 -27.11 -9.03
N LYS E 95 -12.30 -27.64 -7.91
CA LYS E 95 -12.12 -26.95 -6.64
C LYS E 95 -10.66 -26.95 -6.18
N LEU E 96 -9.92 -28.06 -6.28
CA LEU E 96 -8.52 -28.07 -5.89
C LEU E 96 -7.69 -27.00 -6.60
N LEU E 97 -7.90 -26.80 -7.89
CA LEU E 97 -7.12 -25.79 -8.61
C LEU E 97 -7.95 -24.55 -8.88
N GLY E 98 -8.89 -24.23 -7.99
CA GLY E 98 -9.78 -23.08 -8.14
C GLY E 98 -9.07 -21.76 -8.17
N ARG E 99 -7.90 -21.68 -7.59
CA ARG E 99 -7.17 -20.44 -7.59
C ARG E 99 -5.89 -20.64 -8.37
N VAL E 100 -5.90 -21.58 -9.31
CA VAL E 100 -4.71 -21.88 -10.11
C VAL E 100 -4.99 -21.57 -11.56
N THR E 101 -4.01 -21.00 -12.26
CA THR E 101 -4.10 -20.73 -13.69
C THR E 101 -3.08 -21.61 -14.39
N ILE E 102 -3.50 -22.44 -15.32
CA ILE E 102 -2.56 -23.27 -16.05
C ILE E 102 -2.11 -22.55 -17.31
N ALA E 103 -0.82 -22.22 -17.36
CA ALA E 103 -0.21 -21.51 -18.47
C ALA E 103 -0.48 -22.22 -19.78
N GLN E 104 -0.61 -21.42 -20.84
CA GLN E 104 -0.91 -21.86 -22.21
C GLN E 104 -2.14 -22.75 -22.24
N GLY E 105 -3.11 -22.45 -21.37
CA GLY E 105 -4.35 -23.21 -21.27
C GLY E 105 -5.62 -22.76 -21.94
N GLY E 106 -5.80 -21.46 -22.13
CA GLY E 106 -7.05 -21.00 -22.68
C GLY E 106 -8.18 -21.20 -21.67
N VAL E 107 -9.42 -21.10 -22.17
CA VAL E 107 -10.58 -21.26 -21.33
C VAL E 107 -11.52 -22.28 -21.98
N LEU E 108 -12.54 -22.69 -21.23
CA LEU E 108 -13.54 -23.63 -21.71
C LEU E 108 -14.50 -22.94 -22.67
N PRO E 109 -14.93 -23.64 -23.73
CA PRO E 109 -15.90 -23.05 -24.67
C PRO E 109 -17.19 -22.74 -23.92
N ASN E 110 -17.67 -21.51 -23.96
CA ASN E 110 -18.89 -21.18 -23.23
C ASN E 110 -19.45 -19.86 -23.74
N ILE E 111 -20.63 -19.91 -24.33
CA ILE E 111 -21.31 -18.74 -24.84
C ILE E 111 -22.63 -18.62 -24.11
N GLN E 112 -22.89 -17.46 -23.51
CA GLN E 112 -24.14 -17.24 -22.78
C GLN E 112 -25.34 -17.35 -23.72
N SER E 113 -26.30 -18.21 -23.33
CA SER E 113 -27.50 -18.52 -24.11
C SER E 113 -28.22 -17.29 -24.66
N VAL E 114 -28.40 -16.26 -23.83
CA VAL E 114 -29.07 -15.02 -24.22
C VAL E 114 -28.40 -14.27 -25.35
N LEU E 115 -27.14 -14.58 -25.66
CA LEU E 115 -26.39 -13.90 -26.70
C LEU E 115 -26.58 -14.49 -28.09
N LEU E 116 -27.17 -15.68 -28.23
CA LEU E 116 -27.34 -16.28 -29.53
C LEU E 116 -28.41 -15.53 -30.34
N PRO E 117 -28.27 -15.47 -31.67
CA PRO E 117 -29.25 -14.77 -32.51
C PRO E 117 -30.64 -15.42 -32.49
N ALA F 14 21.95 -7.92 36.33
CA ALA F 14 21.66 -8.30 34.96
C ALA F 14 20.66 -7.35 34.33
N LYS F 15 20.92 -6.95 33.09
CA LYS F 15 20.01 -6.04 32.44
C LYS F 15 19.21 -6.77 31.35
N THR F 16 17.90 -6.58 31.36
CA THR F 16 17.00 -7.17 30.37
C THR F 16 17.30 -6.67 28.96
N ARG F 17 17.06 -7.54 27.96
CA ARG F 17 17.27 -7.15 26.57
C ARG F 17 16.40 -5.97 26.15
N SER F 18 15.20 -5.90 26.71
CA SER F 18 14.28 -4.81 26.39
C SER F 18 14.86 -3.46 26.76
N SER F 19 15.39 -3.32 27.97
CA SER F 19 15.96 -2.04 28.40
C SER F 19 17.13 -1.63 27.51
N ARG F 20 18.01 -2.58 27.16
CA ARG F 20 19.10 -2.25 26.27
C ARG F 20 18.58 -1.79 24.91
N ALA F 21 17.48 -2.36 24.44
CA ALA F 21 17.02 -1.92 23.13
C ALA F 21 16.08 -0.73 23.24
N GLY F 22 15.64 -0.42 24.44
CA GLY F 22 14.74 0.71 24.62
C GLY F 22 13.36 0.43 24.07
N LEU F 23 12.92 -0.82 24.11
CA LEU F 23 11.62 -1.21 23.59
C LEU F 23 10.71 -1.73 24.70
N GLN F 24 9.42 -1.67 24.47
CA GLN F 24 8.48 -2.19 25.46
C GLN F 24 8.11 -3.65 25.29
N PHE F 25 7.99 -4.16 24.08
CA PHE F 25 7.63 -5.55 23.90
C PHE F 25 8.75 -6.48 24.35
N PRO F 26 8.42 -7.65 24.90
CA PRO F 26 9.44 -8.60 25.40
C PRO F 26 10.24 -9.31 24.32
N VAL F 27 11.44 -8.78 24.09
CA VAL F 27 12.39 -9.33 23.13
C VAL F 27 12.67 -10.79 23.43
N GLY F 28 13.01 -11.09 24.68
CA GLY F 28 13.33 -12.44 25.12
C GLY F 28 12.30 -13.49 24.78
N ARG F 29 11.03 -13.19 25.05
CA ARG F 29 9.98 -14.14 24.74
C ARG F 29 9.89 -14.36 23.23
N VAL F 30 10.08 -13.30 22.44
CA VAL F 30 10.00 -13.42 20.99
C VAL F 30 11.13 -14.32 20.49
N HIS F 31 12.30 -14.22 21.12
CA HIS F 31 13.44 -15.07 20.78
C HIS F 31 13.09 -16.52 21.04
N ARG F 32 12.52 -16.78 22.22
CA ARG F 32 12.14 -18.13 22.60
C ARG F 32 11.11 -18.72 21.62
N LEU F 33 10.06 -17.97 21.29
CA LEU F 33 9.07 -18.48 20.34
C LEU F 33 9.69 -18.77 18.97
N LEU F 34 10.62 -17.92 18.51
CA LEU F 34 11.25 -18.18 17.20
C LEU F 34 12.06 -19.46 17.18
N ARG F 35 12.86 -19.73 18.21
CA ARG F 35 13.66 -20.96 18.19
C ARG F 35 12.78 -22.20 18.10
N LYS F 36 11.71 -22.28 18.87
CA LYS F 36 10.88 -23.46 18.87
C LYS F 36 9.83 -23.44 17.77
N GLY F 37 9.73 -22.37 17.00
CA GLY F 37 8.71 -22.40 15.97
C GLY F 37 9.09 -23.12 14.69
N ASN F 38 10.32 -23.65 14.62
CA ASN F 38 10.87 -24.37 13.48
C ASN F 38 10.84 -23.58 12.19
N TYR F 39 11.18 -22.32 12.25
CA TYR F 39 11.20 -21.52 11.04
C TYR F 39 12.52 -21.60 10.29
N ALA F 40 13.61 -21.82 11.01
CA ALA F 40 14.93 -21.93 10.40
C ALA F 40 15.84 -22.62 11.40
N GLU F 41 16.97 -23.13 10.90
CA GLU F 41 17.92 -23.78 11.77
C GLU F 41 18.53 -22.81 12.76
N ARG F 42 18.79 -21.59 12.32
CA ARG F 42 19.41 -20.59 13.16
C ARG F 42 18.64 -19.28 13.20
N VAL F 43 18.86 -18.53 14.26
CA VAL F 43 18.25 -17.23 14.45
C VAL F 43 19.35 -16.31 14.92
N GLY F 44 19.68 -15.33 14.09
CA GLY F 44 20.73 -14.38 14.41
C GLY F 44 20.40 -13.49 15.59
N ALA F 45 21.46 -12.89 16.15
CA ALA F 45 21.31 -12.01 17.29
C ALA F 45 20.48 -10.77 16.97
N GLY F 46 20.65 -10.21 15.79
CA GLY F 46 19.90 -9.02 15.47
C GLY F 46 18.46 -9.25 15.11
N ALA F 47 18.11 -10.42 14.68
CA ALA F 47 16.76 -10.77 14.26
C ALA F 47 15.61 -10.49 15.25
N PRO F 48 15.63 -10.94 16.50
CA PRO F 48 14.49 -10.69 17.40
C PRO F 48 14.17 -9.25 17.74
N VAL F 49 15.11 -8.31 17.71
CA VAL F 49 14.76 -6.95 18.08
C VAL F 49 13.89 -6.24 17.03
N TYR F 50 14.26 -6.31 15.75
CA TYR F 50 13.54 -5.67 14.65
C TYR F 50 12.06 -6.04 14.60
N LEU F 51 11.77 -7.34 14.68
CA LEU F 51 10.38 -7.81 14.62
C LEU F 51 9.58 -7.24 15.77
N ALA F 52 10.17 -7.25 16.97
CA ALA F 52 9.52 -6.71 18.15
C ALA F 52 9.18 -5.25 17.94
N ALA F 53 10.11 -4.49 17.37
CA ALA F 53 9.86 -3.07 17.16
C ALA F 53 8.72 -2.84 16.19
N VAL F 54 8.63 -3.69 15.16
CA VAL F 54 7.55 -3.54 14.18
C VAL F 54 6.21 -3.85 14.83
N LEU F 55 6.20 -4.88 15.67
CA LEU F 55 4.97 -5.27 16.35
C LEU F 55 4.53 -4.19 17.33
N GLU F 56 5.50 -3.54 17.96
CA GLU F 56 5.21 -2.47 18.91
C GLU F 56 4.57 -1.29 18.22
N TYR F 57 5.19 -0.84 17.13
CA TYR F 57 4.68 0.30 16.37
C TYR F 57 3.24 0.03 15.91
N LEU F 58 2.97 -1.17 15.39
CA LEU F 58 1.62 -1.49 14.93
C LEU F 58 0.61 -1.45 16.06
N THR F 59 0.98 -1.96 17.24
CA THR F 59 0.09 -1.94 18.40
C THR F 59 -0.28 -0.50 18.77
N ALA F 60 0.74 0.35 18.83
CA ALA F 60 0.51 1.75 19.15
C ALA F 60 -0.41 2.42 18.15
N GLU F 61 -0.23 2.16 16.85
CA GLU F 61 -1.09 2.75 15.82
C GLU F 61 -2.56 2.41 16.02
N ILE F 62 -2.85 1.12 16.20
CA ILE F 62 -4.24 0.71 16.36
C ILE F 62 -4.82 1.24 17.67
N LEU F 63 -4.06 1.18 18.76
CA LEU F 63 -4.57 1.68 20.03
C LEU F 63 -4.82 3.18 19.99
N GLU F 64 -3.96 3.94 19.31
CA GLU F 64 -4.16 5.39 19.17
C GLU F 64 -5.50 5.71 18.53
N LEU F 65 -5.76 5.11 17.35
CA LEU F 65 -7.05 5.40 16.71
C LEU F 65 -8.21 4.84 17.52
N ALA F 66 -7.99 3.72 18.20
CA ALA F 66 -9.06 3.15 19.01
C ALA F 66 -9.42 4.08 20.15
N GLY F 67 -8.41 4.58 20.87
CA GLY F 67 -8.66 5.51 21.96
C GLY F 67 -9.41 6.73 21.51
N ASN F 68 -9.05 7.29 20.35
CA ASN F 68 -9.78 8.46 19.85
C ASN F 68 -11.24 8.12 19.57
N ALA F 69 -11.47 6.92 19.06
CA ALA F 69 -12.84 6.51 18.76
C ALA F 69 -13.62 6.30 20.04
N ALA F 70 -12.94 5.79 21.07
CA ALA F 70 -13.56 5.59 22.38
C ALA F 70 -13.96 6.94 22.97
N ARG F 71 -13.07 7.91 22.86
CA ARG F 71 -13.31 9.27 23.35
C ARG F 71 -14.55 9.89 22.76
N ASP F 72 -14.71 9.82 21.42
CA ASP F 72 -15.87 10.42 20.74
C ASP F 72 -17.24 9.94 21.25
N ASN F 73 -17.35 8.73 21.80
CA ASN F 73 -18.64 8.25 22.30
C ASN F 73 -18.86 8.59 23.77
N LYS F 74 -17.94 9.38 24.34
CA LYS F 74 -17.93 9.87 25.71
C LYS F 74 -17.74 8.77 26.73
N LYS F 75 -16.90 7.82 26.41
CA LYS F 75 -16.59 6.70 27.30
C LYS F 75 -15.09 6.62 27.44
N THR F 76 -14.66 6.22 28.62
CA THR F 76 -13.26 6.12 28.93
C THR F 76 -12.72 4.70 28.86
N ARG F 77 -13.58 3.71 28.74
CA ARG F 77 -13.13 2.33 28.64
C ARG F 77 -13.41 1.82 27.24
N ILE F 78 -12.35 1.35 26.58
CA ILE F 78 -12.39 0.80 25.23
C ILE F 78 -13.13 -0.53 25.25
N ILE F 79 -14.11 -0.70 24.38
CA ILE F 79 -14.89 -1.93 24.34
C ILE F 79 -14.65 -2.39 22.88
N PRO F 80 -14.99 -3.62 22.45
CA PRO F 80 -14.61 -4.06 21.08
C PRO F 80 -15.17 -3.22 19.93
N ARG F 81 -16.41 -2.72 19.96
CA ARG F 81 -16.95 -1.91 18.86
C ARG F 81 -16.00 -0.79 18.46
N HIS F 82 -15.41 -0.09 19.43
CA HIS F 82 -14.51 1.02 19.12
C HIS F 82 -13.27 0.52 18.37
N LEU F 83 -12.80 -0.68 18.73
CA LEU F 83 -11.65 -1.24 18.03
C LEU F 83 -12.02 -1.53 16.59
N GLN F 84 -13.21 -2.08 16.38
CA GLN F 84 -13.69 -2.37 15.03
C GLN F 84 -13.85 -1.11 14.20
N LEU F 85 -14.49 -0.10 14.78
CA LEU F 85 -14.72 1.19 14.15
C LEU F 85 -13.43 1.88 13.78
N ALA F 86 -12.39 1.77 14.62
CA ALA F 86 -11.12 2.44 14.37
C ALA F 86 -10.38 1.96 13.12
N VAL F 87 -10.32 0.65 12.86
CA VAL F 87 -9.58 0.19 11.68
C VAL F 87 -10.27 0.58 10.37
N ARG F 88 -11.57 0.33 10.22
CA ARG F 88 -12.25 0.59 8.95
C ARG F 88 -12.38 2.07 8.57
N ASN F 89 -12.24 3.03 9.46
CA ASN F 89 -12.33 4.39 8.95
C ASN F 89 -10.95 4.87 8.49
N ASP F 90 -9.93 4.04 8.70
CA ASP F 90 -8.60 4.39 8.26
C ASP F 90 -8.25 3.49 7.09
N GLU F 91 -8.05 4.11 5.92
CA GLU F 91 -7.76 3.49 4.63
C GLU F 91 -6.66 2.45 4.65
N GLU F 92 -5.52 2.73 5.26
CA GLU F 92 -4.37 1.84 5.24
C GLU F 92 -4.53 0.55 6.03
N LEU F 93 -5.04 0.60 7.24
CA LEU F 93 -5.26 -0.57 8.08
C LEU F 93 -6.24 -1.57 7.50
N ASN F 94 -7.26 -1.10 6.78
CA ASN F 94 -8.31 -1.94 6.19
C ASN F 94 -7.75 -3.02 5.29
N LYS F 95 -6.69 -2.75 4.55
CA LYS F 95 -6.14 -3.79 3.72
C LYS F 95 -5.49 -4.90 4.54
N LEU F 96 -4.70 -4.58 5.58
CA LEU F 96 -4.12 -5.63 6.43
C LEU F 96 -5.16 -6.58 7.00
N LEU F 97 -6.28 -6.06 7.44
CA LEU F 97 -7.33 -6.91 8.01
C LEU F 97 -8.48 -7.11 7.04
N GLY F 98 -8.17 -7.12 5.74
CA GLY F 98 -9.19 -7.26 4.71
C GLY F 98 -9.95 -8.56 4.74
N ARG F 99 -9.37 -9.60 5.29
CA ARG F 99 -10.05 -10.86 5.41
C ARG F 99 -10.24 -11.22 6.87
N VAL F 100 -10.29 -10.22 7.73
CA VAL F 100 -10.44 -10.46 9.15
C VAL F 100 -11.76 -9.87 9.62
N THR F 101 -12.46 -10.58 10.49
CA THR F 101 -13.70 -10.10 11.08
C THR F 101 -13.44 -9.93 12.58
N ILE F 102 -13.67 -8.74 13.09
CA ILE F 102 -13.46 -8.53 14.53
C ILE F 102 -14.76 -8.81 15.26
N ALA F 103 -14.74 -9.86 16.08
CA ALA F 103 -15.88 -10.30 16.85
C ALA F 103 -16.45 -9.18 17.70
N GLN F 104 -17.77 -9.24 17.89
CA GLN F 104 -18.56 -8.26 18.63
C GLN F 104 -18.28 -6.84 18.10
N GLY F 105 -18.06 -6.74 16.79
CA GLY F 105 -17.76 -5.47 16.13
C GLY F 105 -18.78 -4.63 15.40
N GLY F 106 -19.82 -5.23 14.84
CA GLY F 106 -20.76 -4.48 14.04
C GLY F 106 -20.18 -3.97 12.74
N VAL F 107 -20.85 -3.02 12.08
CA VAL F 107 -20.37 -2.47 10.81
C VAL F 107 -20.36 -0.95 10.92
N LEU F 108 -19.78 -0.29 9.92
CA LEU F 108 -19.71 1.16 9.82
C LEU F 108 -21.06 1.71 9.40
N PRO F 109 -21.45 2.88 9.90
CA PRO F 109 -22.73 3.47 9.50
C PRO F 109 -22.69 3.72 8.01
N ASN F 110 -23.66 3.17 7.27
CA ASN F 110 -23.65 3.35 5.82
C ASN F 110 -24.96 3.03 5.14
N ILE F 111 -25.58 4.05 4.54
CA ILE F 111 -26.82 3.91 3.81
C ILE F 111 -26.58 4.33 2.36
N GLN F 112 -26.93 3.46 1.40
CA GLN F 112 -26.75 3.77 -0.01
C GLN F 112 -27.60 4.97 -0.39
N SER F 113 -26.93 5.98 -0.99
CA SER F 113 -27.55 7.26 -1.37
C SER F 113 -28.89 7.14 -2.10
N VAL F 114 -28.99 6.26 -3.10
CA VAL F 114 -30.22 6.08 -3.87
C VAL F 114 -31.40 5.59 -3.00
N LEU F 115 -31.13 5.09 -1.81
CA LEU F 115 -32.19 4.57 -0.95
C LEU F 115 -32.84 5.63 -0.07
N LEU F 116 -32.27 6.79 0.08
CA LEU F 116 -32.82 7.90 0.83
C LEU F 116 -34.11 8.41 0.21
N PRO F 117 -35.12 8.81 0.96
CA PRO F 117 -36.36 9.29 0.36
C PRO F 117 -36.25 10.54 -0.50
N LYS F 118 -36.96 10.49 -1.61
CA LYS F 118 -36.96 11.55 -2.61
C LYS F 118 -37.98 12.61 -2.22
N THR G 29 26.41 -28.64 -12.39
CA THR G 29 25.42 -28.81 -11.34
C THR G 29 24.20 -29.55 -11.88
N ARG G 30 23.39 -30.09 -10.98
CA ARG G 30 22.16 -30.79 -11.35
C ARG G 30 21.01 -30.35 -10.46
N LYS G 31 19.80 -30.51 -10.98
CA LYS G 31 18.58 -30.04 -10.33
C LYS G 31 17.55 -31.15 -10.42
N GLU G 32 17.01 -31.55 -9.28
CA GLU G 32 16.06 -32.66 -9.24
C GLU G 32 14.77 -32.24 -9.92
N SER G 33 14.22 -33.12 -10.73
CA SER G 33 12.89 -32.90 -11.25
C SER G 33 11.95 -33.96 -10.70
N TYR G 34 10.70 -33.86 -11.10
CA TYR G 34 9.77 -34.95 -10.94
C TYR G 34 9.37 -35.47 -12.30
N ALA G 35 10.32 -35.46 -13.24
CA ALA G 35 9.99 -35.82 -14.61
C ALA G 35 9.75 -37.31 -14.76
N ILE G 36 10.76 -38.12 -14.45
CA ILE G 36 10.77 -39.51 -14.88
C ILE G 36 9.74 -40.35 -14.15
N TYR G 37 9.23 -39.86 -13.04
CA TYR G 37 8.20 -40.64 -12.37
C TYR G 37 6.84 -40.38 -12.96
N VAL G 38 6.56 -39.15 -13.36
CA VAL G 38 5.36 -38.88 -14.15
C VAL G 38 5.42 -39.64 -15.45
N TYR G 39 6.60 -39.66 -16.09
CA TYR G 39 6.73 -40.36 -17.36
C TYR G 39 6.61 -41.86 -17.18
N LYS G 40 7.01 -42.38 -16.02
CA LYS G 40 6.82 -43.82 -15.79
C LYS G 40 5.37 -44.13 -15.49
N VAL G 41 4.69 -43.27 -14.74
CA VAL G 41 3.35 -43.63 -14.30
C VAL G 41 2.34 -43.35 -15.41
N LEU G 42 2.77 -42.64 -16.45
CA LEU G 42 1.93 -42.52 -17.63
C LEU G 42 1.73 -43.88 -18.31
N LYS G 43 2.77 -44.74 -18.26
CA LYS G 43 2.74 -45.99 -19.02
C LYS G 43 1.71 -46.98 -18.48
N GLN G 44 1.29 -46.81 -17.24
CA GLN G 44 0.40 -47.80 -16.66
C GLN G 44 -1.07 -47.40 -16.83
N VAL G 45 -1.35 -46.31 -17.53
CA VAL G 45 -2.74 -45.97 -17.87
C VAL G 45 -2.97 -45.80 -19.36
N HIS G 46 -1.92 -45.58 -20.14
CA HIS G 46 -2.03 -45.43 -21.57
C HIS G 46 -0.74 -46.00 -22.14
N PRO G 47 -0.80 -46.87 -23.09
CA PRO G 47 0.44 -47.35 -23.70
C PRO G 47 0.87 -46.43 -24.82
N ASP G 48 -0.06 -45.65 -25.34
CA ASP G 48 0.21 -44.96 -26.59
C ASP G 48 0.70 -43.54 -26.39
N THR G 49 0.10 -42.82 -25.45
CA THR G 49 0.15 -41.37 -25.45
C THR G 49 1.52 -40.84 -25.09
N GLY G 50 1.81 -39.61 -25.55
CA GLY G 50 3.06 -38.96 -25.28
C GLY G 50 2.89 -37.62 -24.58
N ILE G 51 4.01 -37.11 -24.08
CA ILE G 51 4.01 -35.88 -23.32
C ILE G 51 5.03 -34.92 -23.93
N SER G 52 4.82 -33.62 -23.75
CA SER G 52 5.69 -32.60 -24.31
C SER G 52 6.57 -31.99 -23.25
N SER G 53 7.53 -31.19 -23.71
CA SER G 53 8.55 -30.69 -22.81
C SER G 53 8.00 -29.61 -21.90
N LYS G 54 7.09 -28.78 -22.40
CA LYS G 54 6.45 -27.83 -21.50
C LYS G 54 5.48 -28.53 -20.57
N ALA G 55 4.81 -29.56 -21.07
CA ALA G 55 3.79 -30.26 -20.30
C ALA G 55 4.38 -31.00 -19.11
N MET G 56 5.57 -31.59 -19.31
CA MET G 56 6.25 -32.29 -18.23
C MET G 56 6.57 -31.33 -17.08
N SER G 57 7.01 -30.12 -17.42
CA SER G 57 7.28 -29.14 -16.37
C SER G 57 5.99 -28.67 -15.71
N ILE G 58 4.88 -28.63 -16.45
CA ILE G 58 3.60 -28.27 -15.84
C ILE G 58 3.21 -29.28 -14.78
N MET G 59 3.31 -30.57 -15.13
CA MET G 59 3.00 -31.60 -14.15
C MET G 59 3.98 -31.58 -12.98
N ASN G 60 5.24 -31.20 -13.26
CA ASN G 60 6.27 -31.07 -12.24
C ASN G 60 5.86 -30.04 -11.20
N SER G 61 5.41 -28.88 -11.68
CA SER G 61 4.99 -27.85 -10.75
C SER G 61 3.71 -28.25 -10.03
N PHE G 62 2.85 -29.07 -10.66
CA PHE G 62 1.62 -29.52 -10.01
C PHE G 62 1.91 -30.39 -8.81
N VAL G 63 2.76 -31.39 -8.98
CA VAL G 63 3.06 -32.27 -7.86
C VAL G 63 3.84 -31.51 -6.80
N ASN G 64 4.66 -30.52 -7.20
CA ASN G 64 5.41 -29.77 -6.21
C ASN G 64 4.49 -28.88 -5.37
N ASP G 65 3.45 -28.32 -6.00
CA ASP G 65 2.48 -27.51 -5.26
C ASP G 65 1.67 -28.35 -4.29
N VAL G 66 1.23 -29.53 -4.71
CA VAL G 66 0.48 -30.40 -3.80
C VAL G 66 1.36 -30.82 -2.64
N PHE G 67 2.66 -30.99 -2.90
CA PHE G 67 3.60 -31.35 -1.85
C PHE G 67 3.71 -30.27 -0.79
N GLU G 68 3.92 -29.02 -1.21
CA GLU G 68 4.08 -27.97 -0.18
C GLU G 68 2.78 -27.66 0.55
N ARG G 69 1.63 -27.74 -0.11
CA ARG G 69 0.39 -27.46 0.61
C ARG G 69 0.07 -28.57 1.60
N ILE G 70 0.31 -29.84 1.23
CA ILE G 70 -0.01 -30.92 2.14
C ILE G 70 0.94 -30.94 3.32
N ALA G 71 2.22 -30.66 3.08
CA ALA G 71 3.16 -30.58 4.20
C ALA G 71 2.88 -29.36 5.07
N GLY G 72 2.31 -28.30 4.50
CA GLY G 72 1.94 -27.16 5.30
C GLY G 72 0.82 -27.48 6.28
N GLU G 73 -0.24 -28.13 5.79
CA GLU G 73 -1.28 -28.52 6.73
C GLU G 73 -0.82 -29.66 7.61
N ALA G 74 0.26 -30.35 7.24
CA ALA G 74 0.87 -31.30 8.14
C ALA G 74 1.51 -30.59 9.32
N SER G 75 2.38 -29.62 9.04
CA SER G 75 3.17 -29.03 10.10
C SER G 75 2.34 -28.11 10.97
N ARG G 76 1.23 -27.60 10.43
CA ARG G 76 0.34 -26.82 11.28
C ARG G 76 -0.43 -27.71 12.25
N LEU G 77 -0.45 -29.03 12.01
CA LEU G 77 -1.18 -29.90 12.92
C LEU G 77 -0.43 -30.11 14.22
N ALA G 78 0.89 -29.96 14.20
CA ALA G 78 1.70 -30.24 15.38
C ALA G 78 1.45 -29.21 16.48
N HIS G 79 1.62 -27.92 16.16
CA HIS G 79 1.50 -26.87 17.15
C HIS G 79 0.07 -26.65 17.62
N TYR G 80 -0.91 -27.18 16.90
CA TYR G 80 -2.28 -27.18 17.39
C TYR G 80 -2.55 -28.36 18.30
N ASN G 81 -1.56 -29.23 18.49
CA ASN G 81 -1.69 -30.26 19.51
C ASN G 81 -0.39 -30.58 20.24
N LYS G 82 0.65 -29.76 20.10
CA LYS G 82 1.91 -29.84 20.86
C LYS G 82 2.67 -31.15 20.66
N ARG G 83 2.36 -31.91 19.63
CA ARG G 83 3.19 -33.04 19.26
C ARG G 83 4.43 -32.52 18.54
N SER G 84 5.38 -33.41 18.27
CA SER G 84 6.59 -32.95 17.61
C SER G 84 7.08 -33.88 16.53
N THR G 85 6.35 -34.93 16.19
CA THR G 85 6.71 -35.86 15.13
C THR G 85 5.56 -35.96 14.14
N ILE G 86 5.80 -35.57 12.89
CA ILE G 86 4.81 -35.79 11.85
C ILE G 86 4.77 -37.28 11.56
N THR G 87 3.59 -37.87 11.70
CA THR G 87 3.45 -39.31 11.45
C THR G 87 2.38 -39.61 10.41
N SER G 88 2.14 -40.91 10.25
CA SER G 88 1.15 -41.41 9.31
C SER G 88 -0.25 -40.97 9.70
N ARG G 89 -0.58 -41.07 10.99
CA ARG G 89 -1.88 -40.63 11.48
C ARG G 89 -2.07 -39.14 11.24
N GLU G 90 -1.00 -38.36 11.43
CA GLU G 90 -1.03 -36.93 11.23
C GLU G 90 -1.35 -36.58 9.79
N ILE G 91 -0.59 -37.15 8.85
CA ILE G 91 -0.84 -36.79 7.47
C ILE G 91 -2.14 -37.39 6.96
N GLN G 92 -2.62 -38.49 7.57
CA GLN G 92 -3.89 -39.08 7.13
C GLN G 92 -5.05 -38.16 7.45
N THR G 93 -5.10 -37.66 8.67
CA THR G 93 -6.14 -36.68 8.95
C THR G 93 -5.83 -35.33 8.30
N ALA G 94 -4.62 -35.15 7.78
CA ALA G 94 -4.41 -33.97 6.97
C ALA G 94 -5.09 -34.10 5.61
N VAL G 95 -5.03 -35.28 4.99
CA VAL G 95 -5.47 -35.38 3.60
C VAL G 95 -6.98 -35.26 3.48
N ARG G 96 -7.72 -35.75 4.49
CA ARG G 96 -9.17 -35.57 4.47
C ARG G 96 -9.58 -34.12 4.70
N LEU G 97 -8.64 -33.27 5.12
CA LEU G 97 -8.95 -31.87 5.29
C LEU G 97 -8.89 -31.11 3.97
N LEU G 98 -8.01 -31.51 3.05
CA LEU G 98 -7.65 -30.64 1.94
C LEU G 98 -8.43 -30.90 0.66
N LEU G 99 -8.51 -32.12 0.21
CA LEU G 99 -9.24 -32.33 -1.03
C LEU G 99 -10.74 -32.42 -0.74
N PRO G 100 -11.59 -32.01 -1.66
CA PRO G 100 -13.03 -31.99 -1.34
C PRO G 100 -13.76 -33.31 -1.58
N GLY G 101 -13.65 -34.23 -0.63
CA GLY G 101 -14.58 -35.34 -0.57
C GLY G 101 -14.18 -36.64 -1.24
N GLU G 102 -14.66 -36.82 -2.47
CA GLU G 102 -14.54 -38.12 -3.14
C GLU G 102 -13.10 -38.49 -3.46
N LEU G 103 -12.33 -37.54 -4.00
CA LEU G 103 -10.92 -37.80 -4.28
C LEU G 103 -10.16 -38.04 -2.99
N ALA G 104 -10.58 -37.38 -1.90
CA ALA G 104 -9.97 -37.63 -0.61
C ALA G 104 -10.26 -39.03 -0.11
N LYS G 105 -11.47 -39.52 -0.35
CA LYS G 105 -11.81 -40.86 0.08
C LYS G 105 -10.98 -41.89 -0.69
N HIS G 106 -10.83 -41.66 -2.00
CA HIS G 106 -9.96 -42.53 -2.78
C HIS G 106 -8.51 -42.42 -2.33
N ALA G 107 -8.09 -41.23 -1.91
CA ALA G 107 -6.75 -41.03 -1.41
C ALA G 107 -6.51 -41.82 -0.14
N VAL G 108 -7.45 -41.74 0.80
CA VAL G 108 -7.25 -42.39 2.08
C VAL G 108 -7.34 -43.90 1.92
N SER G 109 -8.07 -44.39 0.90
CA SER G 109 -8.09 -45.82 0.65
C SER G 109 -6.76 -46.29 0.09
N GLU G 110 -6.21 -45.53 -0.88
CA GLU G 110 -4.90 -45.90 -1.44
C GLU G 110 -3.81 -45.84 -0.39
N GLY G 111 -3.94 -44.91 0.55
CA GLY G 111 -2.98 -44.86 1.64
C GLY G 111 -3.10 -46.03 2.59
N THR G 112 -4.33 -46.37 2.99
CA THR G 112 -4.48 -47.41 4.01
C THR G 112 -4.21 -48.78 3.43
N LYS G 113 -4.23 -48.90 2.10
CA LYS G 113 -3.61 -50.08 1.52
C LYS G 113 -2.10 -49.92 1.45
N ALA G 114 -1.62 -48.70 1.27
CA ALA G 114 -0.21 -48.50 0.97
C ALA G 114 0.66 -48.67 2.20
N VAL G 115 0.08 -48.61 3.38
CA VAL G 115 0.89 -48.86 4.57
C VAL G 115 1.18 -50.36 4.70
N THR G 116 0.29 -51.20 4.16
CA THR G 116 0.35 -52.63 4.46
C THR G 116 1.54 -53.30 3.78
N CYS G 117 1.84 -52.88 2.55
CA CYS G 117 2.96 -53.47 1.86
C CYS G 117 4.30 -53.05 2.45
N TYR G 118 4.37 -51.89 3.10
CA TYR G 118 5.62 -51.51 3.76
C TYR G 118 5.82 -52.30 5.05
N THR G 119 4.74 -52.71 5.70
CA THR G 119 4.90 -53.59 6.85
C THR G 119 4.70 -55.04 6.48
N SER G 120 4.55 -55.35 5.20
CA SER G 120 4.48 -56.74 4.79
C SER G 120 5.83 -57.40 4.85
N ALA G 121 6.78 -56.90 4.06
CA ALA G 121 8.09 -57.52 3.96
C ALA G 121 9.15 -56.63 4.59
N THR H 29 -1.96 -24.44 34.93
CA THR H 29 -0.58 -24.19 34.52
C THR H 29 -0.37 -22.75 34.08
N ARG H 30 0.90 -22.36 33.98
CA ARG H 30 1.25 -20.97 33.70
C ARG H 30 1.02 -20.69 32.22
N LYS H 31 -0.22 -20.34 31.91
CA LYS H 31 -0.64 -20.12 30.53
C LYS H 31 -0.17 -18.74 30.07
N GLU H 32 0.71 -18.70 29.06
CA GLU H 32 1.28 -17.45 28.60
C GLU H 32 0.24 -16.60 27.88
N SER H 33 0.57 -15.33 27.69
CA SER H 33 -0.28 -14.43 26.94
C SER H 33 0.58 -13.29 26.43
N TYR H 34 -0.09 -12.25 25.95
CA TYR H 34 0.56 -11.03 25.52
C TYR H 34 -0.11 -9.84 26.15
N ALA H 35 -0.67 -10.03 27.34
CA ALA H 35 -1.56 -9.02 27.90
C ALA H 35 -0.79 -7.81 28.40
N ILE H 36 0.14 -8.03 29.34
CA ILE H 36 0.67 -6.93 30.14
C ILE H 36 1.54 -6.00 29.32
N TYR H 37 2.02 -6.44 28.18
CA TYR H 37 2.81 -5.54 27.37
C TYR H 37 1.91 -4.62 26.56
N VAL H 38 0.77 -5.13 26.10
CA VAL H 38 -0.22 -4.27 25.47
C VAL H 38 -0.72 -3.26 26.47
N TYR H 39 -0.91 -3.69 27.71
CA TYR H 39 -1.30 -2.80 28.79
C TYR H 39 -0.28 -1.70 29.02
N LYS H 40 1.01 -2.05 28.99
CA LYS H 40 2.02 -1.04 29.26
C LYS H 40 2.17 -0.08 28.10
N VAL H 41 1.99 -0.55 26.87
CA VAL H 41 2.21 0.36 25.76
C VAL H 41 1.00 1.25 25.55
N LEU H 42 -0.16 0.83 26.07
CA LEU H 42 -1.34 1.68 25.93
C LEU H 42 -1.20 2.95 26.76
N LYS H 43 -0.54 2.85 27.92
CA LYS H 43 -0.39 4.01 28.80
C LYS H 43 0.59 5.03 28.25
N GLN H 44 1.35 4.70 27.22
CA GLN H 44 2.29 5.68 26.70
C GLN H 44 1.72 6.45 25.52
N VAL H 45 0.50 6.11 25.08
CA VAL H 45 -0.12 6.93 24.05
C VAL H 45 -1.35 7.62 24.58
N HIS H 46 -1.88 7.18 25.71
CA HIS H 46 -2.98 7.84 26.34
C HIS H 46 -2.62 7.86 27.82
N PRO H 47 -2.93 8.93 28.50
CA PRO H 47 -2.56 9.02 29.92
C PRO H 47 -3.42 8.12 30.77
N ASP H 48 -4.70 8.03 30.43
CA ASP H 48 -5.65 7.30 31.27
C ASP H 48 -6.83 6.84 30.43
N THR H 49 -6.81 5.58 30.03
CA THR H 49 -7.97 4.91 29.49
C THR H 49 -8.10 3.55 30.15
N GLY H 50 -9.16 2.86 29.79
CA GLY H 50 -9.35 1.50 30.20
C GLY H 50 -9.57 0.59 29.01
N ILE H 51 -9.21 -0.67 29.18
CA ILE H 51 -9.40 -1.66 28.13
C ILE H 51 -10.06 -2.87 28.79
N SER H 52 -11.10 -3.40 28.14
CA SER H 52 -11.86 -4.48 28.71
C SER H 52 -11.38 -5.83 28.20
N SER H 53 -11.94 -6.89 28.76
CA SER H 53 -11.32 -8.21 28.68
C SER H 53 -11.45 -8.81 27.29
N LYS H 54 -12.63 -8.71 26.68
CA LYS H 54 -12.83 -9.29 25.36
C LYS H 54 -11.96 -8.60 24.33
N ALA H 55 -11.89 -7.28 24.39
CA ALA H 55 -11.04 -6.56 23.46
C ALA H 55 -9.56 -6.77 23.77
N MET H 56 -9.22 -7.04 25.02
CA MET H 56 -7.83 -7.34 25.36
C MET H 56 -7.41 -8.65 24.72
N SER H 57 -8.26 -9.66 24.78
CA SER H 57 -7.95 -10.89 24.07
C SER H 57 -8.01 -10.70 22.56
N ILE H 58 -8.78 -9.72 22.07
CA ILE H 58 -8.77 -9.40 20.65
C ILE H 58 -7.38 -8.90 20.24
N MET H 59 -6.84 -7.96 21.01
CA MET H 59 -5.49 -7.45 20.74
C MET H 59 -4.45 -8.56 20.86
N ASN H 60 -4.67 -9.49 21.79
CA ASN H 60 -3.82 -10.65 21.95
C ASN H 60 -3.71 -11.45 20.67
N SER H 61 -4.85 -11.87 20.14
CA SER H 61 -4.81 -12.69 18.95
C SER H 61 -4.37 -11.91 17.72
N PHE H 62 -4.60 -10.58 17.68
CA PHE H 62 -4.12 -9.79 16.56
C PHE H 62 -2.61 -9.77 16.50
N VAL H 63 -1.98 -9.57 17.67
CA VAL H 63 -0.53 -9.64 17.73
C VAL H 63 -0.05 -11.02 17.31
N ASN H 64 -0.77 -12.06 17.72
CA ASN H 64 -0.36 -13.42 17.39
C ASN H 64 -0.44 -13.67 15.88
N ASP H 65 -1.45 -13.09 15.23
CA ASP H 65 -1.61 -13.28 13.80
C ASP H 65 -0.54 -12.55 12.99
N VAL H 66 -0.24 -11.29 13.37
CA VAL H 66 0.80 -10.54 12.66
C VAL H 66 2.15 -11.23 12.83
N PHE H 67 2.37 -11.79 14.02
CA PHE H 67 3.60 -12.52 14.28
C PHE H 67 3.73 -13.75 13.39
N GLU H 68 2.64 -14.53 13.26
CA GLU H 68 2.76 -15.74 12.46
C GLU H 68 2.88 -15.45 10.98
N ARG H 69 2.22 -14.40 10.48
CA ARG H 69 2.34 -14.07 9.07
C ARG H 69 3.74 -13.55 8.73
N ILE H 70 4.29 -12.70 9.59
CA ILE H 70 5.63 -12.18 9.32
C ILE H 70 6.67 -13.28 9.41
N ALA H 71 6.53 -14.19 10.38
CA ALA H 71 7.48 -15.29 10.48
C ALA H 71 7.35 -16.24 9.31
N GLY H 72 6.15 -16.41 8.77
CA GLY H 72 6.00 -17.25 7.60
C GLY H 72 6.69 -16.67 6.38
N GLU H 73 6.45 -15.39 6.10
CA GLU H 73 7.10 -14.79 4.95
C GLU H 73 8.58 -14.59 5.19
N ALA H 74 9.01 -14.65 6.44
CA ALA H 74 10.42 -14.77 6.73
C ALA H 74 10.95 -16.12 6.29
N SER H 75 10.36 -17.19 6.81
CA SER H 75 10.94 -18.51 6.63
C SER H 75 10.81 -18.99 5.20
N ARG H 76 9.92 -18.39 4.42
CA ARG H 76 9.95 -18.69 2.99
C ARG H 76 11.13 -18.02 2.31
N LEU H 77 11.74 -17.00 2.92
CA LEU H 77 12.96 -16.49 2.32
C LEU H 77 14.16 -17.38 2.62
N ALA H 78 13.99 -18.43 3.40
CA ALA H 78 15.08 -19.39 3.53
C ALA H 78 15.25 -20.17 2.24
N HIS H 79 14.28 -20.98 1.88
CA HIS H 79 14.44 -21.93 0.80
C HIS H 79 14.32 -21.29 -0.57
N TYR H 80 13.92 -20.03 -0.65
CA TYR H 80 13.91 -19.35 -1.93
C TYR H 80 15.27 -18.75 -2.25
N ASN H 81 16.24 -18.86 -1.35
CA ASN H 81 17.60 -18.45 -1.67
C ASN H 81 18.68 -19.33 -1.07
N LYS H 82 18.35 -20.57 -0.69
CA LYS H 82 19.32 -21.62 -0.34
C LYS H 82 20.21 -21.26 0.85
N ARG H 83 19.70 -20.45 1.76
CA ARG H 83 20.37 -20.17 3.01
C ARG H 83 19.53 -20.70 4.15
N SER H 84 20.13 -20.85 5.31
CA SER H 84 19.39 -21.51 6.38
C SER H 84 19.37 -20.74 7.68
N THR H 85 19.75 -19.46 7.69
CA THR H 85 19.69 -18.65 8.90
C THR H 85 18.81 -17.43 8.64
N ILE H 86 17.73 -17.30 9.38
CA ILE H 86 16.96 -16.07 9.36
C ILE H 86 17.80 -15.02 10.07
N THR H 87 18.14 -13.95 9.38
CA THR H 87 18.97 -12.90 9.95
C THR H 87 18.18 -11.61 10.11
N SER H 88 18.84 -10.63 10.71
CA SER H 88 18.29 -9.30 10.84
C SER H 88 18.12 -8.61 9.50
N ARG H 89 18.84 -9.04 8.48
CA ARG H 89 18.56 -8.55 7.14
C ARG H 89 17.24 -9.07 6.61
N GLU H 90 16.77 -10.22 7.06
CA GLU H 90 15.69 -10.92 6.40
C GLU H 90 14.31 -10.35 6.71
N ILE H 91 14.07 -10.02 7.97
CA ILE H 91 12.73 -9.60 8.39
C ILE H 91 12.40 -8.23 7.81
N GLN H 92 13.40 -7.45 7.43
CA GLN H 92 13.14 -6.15 6.82
C GLN H 92 12.47 -6.31 5.46
N THR H 93 13.09 -7.07 4.55
CA THR H 93 12.44 -7.32 3.27
C THR H 93 11.24 -8.22 3.42
N ALA H 94 11.10 -8.89 4.55
CA ALA H 94 9.83 -9.52 4.85
C ALA H 94 8.75 -8.47 5.07
N VAL H 95 8.99 -7.49 5.93
CA VAL H 95 7.89 -6.62 6.37
C VAL H 95 7.48 -5.66 5.28
N ARG H 96 8.44 -5.21 4.46
CA ARG H 96 8.06 -4.37 3.33
C ARG H 96 7.35 -5.14 2.23
N LEU H 97 7.29 -6.46 2.32
CA LEU H 97 6.44 -7.20 1.41
C LEU H 97 4.98 -7.15 1.85
N LEU H 98 4.70 -7.26 3.14
CA LEU H 98 3.36 -7.63 3.57
C LEU H 98 2.45 -6.43 3.78
N LEU H 99 2.84 -5.49 4.61
CA LEU H 99 1.99 -4.33 4.80
C LEU H 99 2.10 -3.40 3.61
N PRO H 100 1.10 -2.57 3.38
CA PRO H 100 1.24 -1.56 2.33
C PRO H 100 2.10 -0.37 2.73
N GLY H 101 2.16 0.62 1.84
CA GLY H 101 3.24 1.60 1.75
C GLY H 101 3.65 2.44 2.93
N GLU H 102 2.73 3.29 3.43
CA GLU H 102 3.09 4.24 4.48
C GLU H 102 3.45 3.51 5.76
N LEU H 103 2.68 2.47 6.10
CA LEU H 103 2.98 1.65 7.25
C LEU H 103 4.30 0.93 7.05
N ALA H 104 4.61 0.56 5.81
CA ALA H 104 5.86 -0.13 5.55
C ALA H 104 7.05 0.78 5.79
N LYS H 105 6.96 2.02 5.32
CA LYS H 105 8.08 2.93 5.47
C LYS H 105 8.28 3.30 6.93
N HIS H 106 7.19 3.49 7.67
CA HIS H 106 7.36 3.76 9.09
C HIS H 106 7.82 2.52 9.85
N ALA H 107 7.47 1.33 9.35
CA ALA H 107 7.92 0.10 9.97
C ALA H 107 9.41 -0.06 9.82
N VAL H 108 9.92 0.15 8.61
CA VAL H 108 11.33 -0.05 8.38
C VAL H 108 12.14 1.04 9.08
N SER H 109 11.56 2.23 9.24
CA SER H 109 12.25 3.29 9.98
C SER H 109 12.36 2.94 11.45
N GLU H 110 11.26 2.49 12.05
CA GLU H 110 11.27 2.11 13.45
C GLU H 110 12.20 0.94 13.69
N GLY H 111 12.27 0.04 12.72
CA GLY H 111 13.13 -1.13 12.87
C GLY H 111 14.60 -0.78 12.82
N THR H 112 15.00 0.06 11.87
CA THR H 112 16.42 0.35 11.79
C THR H 112 16.85 1.24 12.95
N LYS H 113 15.96 2.12 13.43
CA LYS H 113 16.32 2.90 14.60
C LYS H 113 16.30 2.05 15.85
N ALA H 114 15.58 0.94 15.81
CA ALA H 114 15.66 0.03 16.94
C ALA H 114 16.99 -0.71 16.93
N VAL H 115 17.40 -1.22 15.77
CA VAL H 115 18.56 -2.10 15.77
C VAL H 115 19.85 -1.30 15.91
N THR H 116 19.85 -0.01 15.55
CA THR H 116 21.09 0.74 15.68
C THR H 116 21.36 1.10 17.13
N CYS H 117 20.35 1.01 17.99
CA CYS H 117 20.56 1.28 19.39
C CYS H 117 21.03 0.05 20.15
N TYR H 118 20.68 -1.15 19.67
CA TYR H 118 21.00 -2.36 20.40
C TYR H 118 22.48 -2.69 20.36
N THR H 119 23.18 -2.24 19.32
CA THR H 119 24.59 -2.58 19.21
C THR H 119 25.47 -1.74 20.10
N SER H 120 24.97 -0.62 20.62
CA SER H 120 25.78 0.25 21.47
C SER H 120 25.57 -0.07 22.95
N ALA H 121 25.77 -1.34 23.27
CA ALA H 121 25.65 -1.83 24.64
C ALA H 121 26.99 -1.76 25.35
N LYS H 122 26.95 -1.32 26.61
CA LYS H 122 28.15 -1.20 27.42
C LYS H 122 28.58 -2.55 27.97
N MET I 5 19.43 30.21 48.37
CA MET I 5 19.02 31.45 47.73
C MET I 5 18.09 31.19 46.54
N GLN I 6 17.24 32.17 46.24
CA GLN I 6 16.32 32.13 45.11
C GLN I 6 16.94 32.58 43.79
N ILE I 7 16.66 31.81 42.73
CA ILE I 7 16.87 32.27 41.36
C ILE I 7 15.59 32.06 40.56
N PHE I 8 15.54 32.71 39.39
CA PHE I 8 14.44 32.61 38.43
C PHE I 8 14.94 31.92 37.16
N VAL I 9 14.08 31.14 36.53
CA VAL I 9 14.37 30.53 35.24
C VAL I 9 13.25 30.92 34.29
N LYS I 10 13.55 31.81 33.36
CA LYS I 10 12.60 32.36 32.40
C LYS I 10 12.57 31.52 31.12
N THR I 11 11.42 30.92 30.83
CA THR I 11 11.26 30.15 29.61
C THR I 11 10.73 31.06 28.51
N LEU I 12 10.31 30.44 27.40
CA LEU I 12 10.01 31.22 26.20
C LEU I 12 8.53 31.52 26.02
N THR I 13 7.71 31.39 27.07
CA THR I 13 6.27 31.58 26.95
C THR I 13 5.75 32.74 27.80
N GLY I 14 6.60 33.37 28.61
CA GLY I 14 6.10 34.40 29.50
C GLY I 14 5.99 33.97 30.95
N LYS I 15 6.15 32.68 31.21
CA LYS I 15 6.08 32.11 32.54
C LYS I 15 7.46 32.13 33.17
N THR I 16 7.53 32.56 34.42
CA THR I 16 8.74 32.42 35.22
C THR I 16 8.51 31.46 36.39
N ILE I 17 9.40 30.48 36.49
CA ILE I 17 9.39 29.52 37.58
C ILE I 17 10.56 29.82 38.52
N THR I 18 10.42 29.36 39.76
CA THR I 18 11.38 29.70 40.81
C THR I 18 11.84 28.47 41.56
N LEU I 19 12.87 28.66 42.36
CA LEU I 19 13.53 27.62 43.14
C LEU I 19 14.46 28.31 44.13
N GLU I 20 14.66 27.68 45.29
CA GLU I 20 15.67 28.08 46.26
C GLU I 20 16.84 27.13 46.18
N VAL I 21 18.05 27.66 45.93
CA VAL I 21 19.23 26.84 45.68
C VAL I 21 20.44 27.47 46.38
N GLU I 22 21.51 26.68 46.48
CA GLU I 22 22.85 27.06 46.90
C GLU I 22 23.83 26.88 45.75
N PRO I 23 24.84 27.77 45.64
CA PRO I 23 25.88 27.62 44.60
C PRO I 23 26.64 26.28 44.58
N SER I 24 26.71 25.53 45.68
CA SER I 24 27.39 24.24 45.64
C SER I 24 26.56 23.10 45.04
N ASP I 25 25.30 23.32 44.68
CA ASP I 25 24.51 22.28 44.04
C ASP I 25 24.97 22.05 42.61
N THR I 26 24.90 20.79 42.17
CA THR I 26 25.23 20.49 40.79
C THR I 26 24.05 20.90 39.90
N ILE I 27 24.35 21.11 38.61
CA ILE I 27 23.33 21.40 37.62
C ILE I 27 22.31 20.27 37.49
N GLU I 28 22.77 19.01 37.59
CA GLU I 28 21.87 17.85 37.56
C GLU I 28 20.80 17.87 38.64
N ASN I 29 21.14 18.26 39.87
CA ASN I 29 20.15 18.23 40.92
C ASN I 29 19.16 19.38 40.79
N VAL I 30 19.62 20.49 40.20
CA VAL I 30 18.70 21.56 39.81
C VAL I 30 17.72 21.06 38.76
N LYS I 31 18.23 20.30 37.77
CA LYS I 31 17.37 19.72 36.76
C LYS I 31 16.38 18.73 37.35
N ALA I 32 16.82 17.97 38.35
CA ALA I 32 15.93 17.06 39.06
C ALA I 32 14.83 17.80 39.80
N LYS I 33 15.18 18.94 40.41
CA LYS I 33 14.18 19.76 41.09
C LYS I 33 13.16 20.33 40.09
N ILE I 34 13.64 20.75 38.91
CA ILE I 34 12.76 21.23 37.86
C ILE I 34 11.86 20.10 37.37
N GLN I 35 12.42 18.89 37.26
CA GLN I 35 11.64 17.70 36.89
C GLN I 35 10.58 17.41 37.94
N ASP I 36 10.90 17.67 39.21
CA ASP I 36 9.92 17.50 40.28
C ASP I 36 8.81 18.53 40.17
N LYS I 37 9.14 19.75 39.74
CA LYS I 37 8.12 20.79 39.72
C LYS I 37 7.29 20.80 38.44
N GLU I 38 7.89 20.57 37.27
CA GLU I 38 7.20 20.72 36.00
C GLU I 38 7.09 19.42 35.19
N GLY I 39 7.84 18.38 35.56
CA GLY I 39 7.75 17.10 34.89
C GLY I 39 8.57 16.98 33.62
N ILE I 40 9.36 17.99 33.29
CA ILE I 40 10.16 18.00 32.05
C ILE I 40 11.43 17.17 32.24
N PRO I 41 11.67 16.15 31.42
CA PRO I 41 12.89 15.34 31.53
C PRO I 41 14.13 16.17 31.34
N PRO I 42 15.14 15.94 32.19
CA PRO I 42 16.39 16.71 32.11
C PRO I 42 17.07 16.69 30.76
N ASP I 43 17.09 15.54 30.08
CA ASP I 43 17.84 15.41 28.84
C ASP I 43 17.23 16.17 27.69
N GLN I 44 15.98 16.61 27.80
CA GLN I 44 15.35 17.41 26.78
C GLN I 44 15.57 18.90 26.99
N GLN I 45 16.09 19.30 28.15
CA GLN I 45 16.18 20.70 28.50
C GLN I 45 17.52 21.27 28.08
N ARG I 46 17.55 22.57 27.81
CA ARG I 46 18.77 23.27 27.44
C ARG I 46 18.72 24.64 28.10
N LEU I 47 19.44 24.80 29.21
CA LEU I 47 19.52 26.09 29.88
C LEU I 47 20.63 26.89 29.24
N ILE I 48 20.36 28.17 28.97
CA ILE I 48 21.30 29.06 28.31
C ILE I 48 21.39 30.33 29.13
N PHE I 49 22.60 30.83 29.34
CA PHE I 49 22.78 32.12 29.99
C PHE I 49 23.98 32.82 29.36
N ALA I 50 23.76 34.09 29.00
CA ALA I 50 24.75 35.00 28.43
C ALA I 50 25.47 34.40 27.23
N GLY I 51 24.69 33.75 26.36
CA GLY I 51 25.21 33.23 25.10
C GLY I 51 26.04 31.97 25.15
N LYS I 52 26.25 31.39 26.33
CA LYS I 52 27.09 30.21 26.47
C LYS I 52 26.25 29.01 26.87
N GLN I 53 26.47 27.89 26.16
CA GLN I 53 25.73 26.66 26.42
C GLN I 53 26.16 26.08 27.76
N LEU I 54 25.28 26.18 28.75
CA LEU I 54 25.60 25.77 30.12
C LEU I 54 25.71 24.26 30.22
N GLU I 55 26.90 23.79 30.56
CA GLU I 55 27.19 22.36 30.64
C GLU I 55 26.62 21.77 31.92
N ASP I 56 26.46 20.45 31.93
CA ASP I 56 25.77 19.80 33.03
C ASP I 56 26.73 19.42 34.16
N GLY I 57 27.92 18.92 33.81
CA GLY I 57 28.84 18.42 34.82
C GLY I 57 29.69 19.45 35.54
N ARG I 58 29.19 20.67 35.71
CA ARG I 58 29.82 21.65 36.57
C ARG I 58 28.88 22.00 37.73
N THR I 59 29.36 22.86 38.62
CA THR I 59 28.53 23.31 39.73
C THR I 59 27.84 24.62 39.40
N LEU I 60 26.81 24.92 40.19
CA LEU I 60 26.11 26.20 40.11
C LEU I 60 27.04 27.39 40.30
N SER I 61 28.06 27.25 41.15
CA SER I 61 28.97 28.37 41.39
C SER I 61 29.94 28.59 40.24
N ASP I 62 29.99 27.65 39.28
CA ASP I 62 30.93 27.75 38.17
C ASP I 62 30.50 28.81 37.15
N TYR I 63 29.20 29.04 37.04
CA TYR I 63 28.73 30.00 36.05
C TYR I 63 28.44 31.38 36.64
N ASN I 64 28.79 31.58 37.92
CA ASN I 64 28.59 32.83 38.66
C ASN I 64 27.10 33.21 38.69
N ILE I 65 26.25 32.20 38.82
CA ILE I 65 24.81 32.42 38.91
C ILE I 65 24.49 32.79 40.35
N GLN I 66 24.07 34.04 40.55
CA GLN I 66 23.80 34.58 41.88
C GLN I 66 22.30 34.58 42.16
N LYS I 67 21.97 35.06 43.36
CA LYS I 67 20.59 35.32 43.72
C LYS I 67 20.02 36.43 42.82
N GLU I 68 18.73 36.33 42.54
CA GLU I 68 18.00 37.19 41.59
C GLU I 68 18.63 37.15 40.20
N SER I 69 18.56 36.01 39.53
CA SER I 69 19.07 35.87 38.17
C SER I 69 17.93 35.59 37.20
N THR I 70 18.15 35.99 35.96
CA THR I 70 17.24 35.67 34.87
C THR I 70 17.91 34.72 33.90
N LEU I 71 17.50 33.46 33.95
CA LEU I 71 18.08 32.37 33.18
C LEU I 71 17.10 31.95 32.10
N HIS I 72 17.62 31.65 30.92
CA HIS I 72 16.77 31.26 29.82
C HIS I 72 16.83 29.75 29.58
N LEU I 73 15.65 29.14 29.47
CA LEU I 73 15.49 27.73 29.17
C LEU I 73 14.84 27.59 27.80
N VAL I 74 15.55 26.97 26.87
CA VAL I 74 14.95 26.53 25.63
C VAL I 74 14.76 25.02 25.72
N LEU I 75 13.73 24.52 25.06
CA LEU I 75 13.46 23.09 25.02
C LEU I 75 13.98 22.52 23.72
N ARG I 76 14.65 21.37 23.81
CA ARG I 76 15.14 20.66 22.63
C ARG I 76 14.53 19.28 22.61
N LEU I 77 14.70 18.59 21.49
CA LEU I 77 14.19 17.25 21.31
C LEU I 77 15.34 16.28 21.15
N ARG I 78 15.07 15.00 21.42
CA ARG I 78 16.10 13.96 21.42
C ARG I 78 16.59 13.62 20.02
N LYS J 4 25.89 40.59 -39.69
CA LYS J 4 24.70 40.48 -40.54
C LYS J 4 23.59 41.44 -40.10
N LEU J 5 22.36 41.08 -40.43
CA LEU J 5 21.18 41.84 -40.01
C LEU J 5 21.06 41.92 -38.50
N GLU J 6 20.73 43.11 -38.00
CA GLU J 6 20.68 43.34 -36.56
C GLU J 6 19.46 44.20 -36.27
N LEU J 7 18.84 43.93 -35.12
CA LEU J 7 17.81 44.78 -34.52
C LEU J 7 18.24 45.37 -33.19
N ARG J 8 17.94 46.65 -32.97
CA ARG J 8 18.40 47.37 -31.78
C ARG J 8 17.23 48.12 -31.16
N LEU J 9 17.08 47.97 -29.84
CA LEU J 9 16.14 48.73 -29.02
C LEU J 9 16.94 49.54 -28.01
N LYS J 10 16.78 50.87 -28.02
CA LYS J 10 17.42 51.71 -27.02
C LYS J 10 16.79 51.54 -25.65
N SER J 11 17.64 51.59 -24.62
CA SER J 11 17.19 51.52 -23.24
C SER J 11 16.53 52.84 -22.83
N PRO J 12 15.43 52.78 -22.06
CA PRO J 12 14.78 54.03 -21.59
C PRO J 12 15.58 54.86 -20.60
N VAL J 13 16.54 54.31 -19.87
CA VAL J 13 17.37 55.04 -18.93
C VAL J 13 18.79 55.27 -19.49
N GLY J 14 18.99 54.94 -20.75
CA GLY J 14 20.29 55.12 -21.38
C GLY J 14 21.30 54.07 -21.00
N ALA J 15 20.84 52.86 -20.68
CA ALA J 15 21.64 51.66 -20.47
C ALA J 15 22.00 51.08 -21.82
N GLU J 16 22.78 49.99 -21.80
CA GLU J 16 23.12 49.25 -23.01
C GLU J 16 21.85 48.83 -23.76
N PRO J 17 21.81 49.01 -25.09
CA PRO J 17 20.65 48.57 -25.88
C PRO J 17 20.36 47.09 -25.85
N ALA J 18 19.08 46.74 -25.94
CA ALA J 18 18.75 45.33 -26.10
C ALA J 18 19.02 44.94 -27.54
N VAL J 19 19.74 43.84 -27.71
CA VAL J 19 20.17 43.35 -29.02
C VAL J 19 19.52 42.01 -29.33
N TYR J 20 18.94 41.89 -30.52
CA TYR J 20 18.35 40.61 -30.89
C TYR J 20 18.96 40.20 -32.22
N PRO J 21 19.47 38.98 -32.34
CA PRO J 21 20.08 38.57 -33.61
C PRO J 21 19.01 38.20 -34.64
N TRP J 22 19.36 38.38 -35.90
CA TRP J 22 18.50 37.83 -36.94
C TRP J 22 19.26 36.70 -37.63
N PRO J 23 18.67 35.52 -37.90
CA PRO J 23 17.35 34.92 -37.63
C PRO J 23 17.11 34.71 -36.15
N LEU J 24 15.84 34.70 -35.76
CA LEU J 24 15.47 34.53 -34.36
C LEU J 24 15.72 33.11 -33.87
N PRO J 25 16.36 32.94 -32.71
CA PRO J 25 16.66 31.59 -32.22
C PRO J 25 15.38 30.90 -31.75
N VAL J 26 15.29 29.61 -32.01
CA VAL J 26 14.11 28.81 -31.69
C VAL J 26 14.16 28.41 -30.22
N TYR J 27 13.09 28.68 -29.48
CA TYR J 27 13.18 28.23 -28.09
C TYR J 27 12.55 26.86 -27.89
N ASP J 28 11.33 26.65 -28.39
CA ASP J 28 10.68 25.34 -28.36
C ASP J 28 9.63 25.33 -29.47
N LYS J 29 8.76 24.31 -29.46
CA LYS J 29 7.70 24.15 -30.47
C LYS J 29 6.73 25.34 -30.52
N HIS J 30 6.51 25.99 -29.37
CA HIS J 30 5.54 27.09 -29.24
C HIS J 30 6.18 28.38 -28.78
N HIS J 31 7.49 28.49 -28.78
CA HIS J 31 8.15 29.71 -28.32
C HIS J 31 9.28 30.08 -29.28
N ASP J 32 9.27 31.35 -29.69
CA ASP J 32 10.33 31.97 -30.47
C ASP J 32 10.63 33.37 -29.93
N ALA J 33 11.73 33.97 -30.43
CA ALA J 33 12.15 35.29 -29.97
C ALA J 33 11.19 36.41 -30.35
N ALA J 34 10.50 36.30 -31.49
CA ALA J 34 9.51 37.30 -31.87
C ALA J 34 8.42 37.42 -30.82
N HIS J 35 8.04 36.30 -30.20
CA HIS J 35 7.05 36.31 -29.14
C HIS J 35 7.54 37.11 -27.94
N GLU J 36 8.79 36.88 -27.53
CA GLU J 36 9.42 37.66 -26.47
C GLU J 36 9.46 39.13 -26.83
N ILE J 37 9.83 39.45 -28.08
CA ILE J 37 9.90 40.83 -28.56
C ILE J 37 8.54 41.52 -28.45
N ILE J 38 7.48 40.87 -28.97
CA ILE J 38 6.14 41.47 -28.98
C ILE J 38 5.61 41.65 -27.55
N GLU J 39 5.83 40.65 -26.67
CA GLU J 39 5.45 40.82 -25.28
C GLU J 39 6.27 41.89 -24.58
N THR J 40 7.55 42.03 -24.94
CA THR J 40 8.38 43.08 -24.37
C THR J 40 7.85 44.46 -24.72
N ILE J 41 7.57 44.67 -26.01
CA ILE J 41 6.96 45.92 -26.45
C ILE J 41 5.62 46.18 -25.76
N ARG J 42 4.76 45.16 -25.69
CA ARG J 42 3.47 45.31 -25.02
C ARG J 42 3.61 45.67 -23.54
N TRP J 43 4.50 45.00 -22.83
CA TRP J 43 4.66 45.28 -21.40
C TRP J 43 5.33 46.63 -21.15
N VAL J 44 6.29 47.06 -21.99
CA VAL J 44 6.84 48.41 -21.82
C VAL J 44 5.74 49.45 -22.06
N CYS J 45 4.91 49.25 -23.11
CA CYS J 45 3.75 50.13 -23.33
C CYS J 45 2.80 50.13 -22.12
N GLU J 46 2.71 49.00 -21.42
CA GLU J 46 1.95 48.94 -20.17
C GLU J 46 2.64 49.78 -19.10
N GLU J 47 3.97 49.66 -19.01
CA GLU J 47 4.78 50.41 -18.04
C GLU J 47 4.64 51.91 -18.24
N ILE J 48 4.48 52.36 -19.48
CA ILE J 48 4.47 53.79 -19.77
C ILE J 48 3.26 54.16 -20.60
N PRO J 49 2.22 54.75 -19.97
CA PRO J 49 1.02 55.20 -20.70
C PRO J 49 1.35 56.09 -21.88
N ASP J 50 2.29 57.03 -21.70
CA ASP J 50 2.77 57.88 -22.80
C ASP J 50 3.23 57.06 -23.99
N LEU J 51 4.02 56.02 -23.72
CA LEU J 51 4.48 55.13 -24.78
C LEU J 51 3.32 54.42 -25.46
N LYS J 52 2.34 53.94 -24.67
CA LYS J 52 1.15 53.29 -25.23
C LYS J 52 0.38 54.24 -26.15
N LEU J 53 0.20 55.49 -25.71
CA LEU J 53 -0.38 56.57 -26.52
C LEU J 53 0.35 56.68 -27.86
N ALA J 54 1.66 56.95 -27.78
CA ALA J 54 2.53 57.07 -28.96
C ALA J 54 2.46 55.85 -29.87
N MET J 55 2.37 54.65 -29.28
CA MET J 55 2.32 53.40 -30.02
C MET J 55 0.94 53.17 -30.64
N GLU J 56 -0.11 53.74 -30.06
CA GLU J 56 -1.44 53.72 -30.66
C GLU J 56 -1.42 54.40 -32.04
N ASN J 57 -0.96 55.65 -32.10
CA ASN J 57 -0.81 56.34 -33.38
C ASN J 57 0.32 55.70 -34.16
N TYR J 58 0.01 55.27 -35.39
CA TYR J 58 0.90 54.59 -36.36
C TYR J 58 2.03 53.70 -35.82
N LEU J 60 -0.99 50.50 -32.89
CA LEU J 60 -1.40 49.18 -33.34
C LEU J 60 -1.27 49.07 -34.85
N ILE J 61 -0.80 47.90 -35.30
CA ILE J 61 -0.60 47.62 -36.71
C ILE J 61 -0.44 46.12 -36.86
N ASP J 62 -0.79 45.60 -38.04
CA ASP J 62 -0.63 44.19 -38.32
C ASP J 62 0.85 43.83 -38.42
N TYR J 63 1.42 43.37 -37.31
CA TYR J 63 2.81 42.96 -37.31
C TYR J 63 2.94 41.61 -38.03
N ASP J 64 3.76 41.57 -39.09
CA ASP J 64 4.13 40.32 -39.74
C ASP J 64 5.49 39.86 -39.24
N THR J 65 5.48 38.92 -38.28
CA THR J 65 6.68 38.38 -37.63
C THR J 65 7.60 37.60 -38.56
N LYS J 66 7.21 37.36 -39.81
CA LYS J 66 8.03 36.67 -40.79
C LYS J 66 8.95 37.63 -41.53
N SER J 67 8.52 38.86 -41.73
CA SER J 67 9.19 39.84 -42.57
C SER J 67 10.06 40.73 -41.70
N PHE J 68 11.36 40.82 -42.06
CA PHE J 68 12.30 41.67 -41.33
C PHE J 68 11.91 43.14 -41.36
N GLU J 69 11.62 43.67 -42.56
CA GLU J 69 11.18 45.06 -42.75
C GLU J 69 10.06 45.47 -41.80
N SER J 70 9.02 44.64 -41.65
CA SER J 70 7.89 44.98 -40.77
C SER J 70 8.34 45.11 -39.32
N MET J 71 9.22 44.21 -38.89
CA MET J 71 9.68 44.21 -37.52
C MET J 71 10.65 45.36 -37.28
N GLN J 72 11.55 45.59 -38.22
CA GLN J 72 12.42 46.76 -38.19
C GLN J 72 11.62 48.06 -38.16
N ARG J 73 10.54 48.15 -38.96
CA ARG J 73 9.64 49.31 -38.96
C ARG J 73 9.05 49.57 -37.58
N LEU J 74 8.47 48.53 -36.96
CA LEU J 74 7.88 48.73 -35.63
C LEU J 74 8.97 49.08 -34.62
N CYS J 75 10.13 48.44 -34.73
CA CYS J 75 11.25 48.72 -33.84
C CYS J 75 11.73 50.16 -34.01
N ASP J 76 11.76 50.66 -35.25
CA ASP J 76 12.12 52.05 -35.51
C ASP J 76 11.13 52.99 -34.85
N LYS J 77 9.83 52.70 -35.02
CA LYS J 77 8.77 53.50 -34.41
C LYS J 77 8.91 53.53 -32.90
N TYR J 78 9.26 52.39 -32.31
CA TYR J 78 9.48 52.28 -30.88
C TYR J 78 10.71 53.08 -30.44
N ASN J 79 11.85 52.91 -31.14
CA ASN J 79 13.08 53.63 -30.80
C ASN J 79 12.92 55.15 -30.92
N ARG J 80 12.19 55.60 -31.93
CA ARG J 80 11.86 57.02 -32.05
C ARG J 80 10.96 57.48 -30.91
N ALA J 81 9.98 56.67 -30.54
CA ALA J 81 9.16 56.99 -29.38
C ALA J 81 9.98 57.07 -28.09
N ILE J 82 10.93 56.16 -27.90
CA ILE J 82 11.90 56.25 -26.80
C ILE J 82 12.69 57.56 -26.88
N ASP J 83 13.04 57.98 -28.09
CA ASP J 83 13.76 59.24 -28.25
C ASP J 83 12.89 60.41 -27.80
N SER J 84 11.65 60.45 -28.32
CA SER J 84 10.68 61.47 -27.98
C SER J 84 10.36 61.49 -26.49
N ILE J 85 10.26 60.33 -25.84
CA ILE J 85 10.05 60.30 -24.40
C ILE J 85 11.24 60.94 -23.68
N HIS J 86 12.48 60.66 -24.15
CA HIS J 86 13.62 61.32 -23.51
C HIS J 86 13.58 62.83 -23.73
N GLN J 87 13.03 63.28 -24.87
CA GLN J 87 12.84 64.72 -25.04
C GLN J 87 11.74 65.25 -24.13
N LEU J 88 10.62 64.52 -24.02
CA LEU J 88 9.57 64.84 -23.06
C LEU J 88 10.13 65.00 -21.65
N TRP J 89 10.99 64.07 -21.23
CA TRP J 89 11.62 64.20 -19.92
C TRP J 89 12.57 65.38 -19.87
N LYS J 90 13.04 65.86 -21.02
CA LYS J 90 13.80 67.10 -21.04
C LYS J 90 12.87 68.29 -20.87
N GLY J 91 11.61 68.16 -21.31
CA GLY J 91 10.63 69.21 -21.08
C GLY J 91 10.05 69.30 -19.69
N THR J 92 8.73 69.47 -19.57
CA THR J 92 8.11 69.67 -18.27
C THR J 92 7.65 68.39 -17.58
N THR J 93 7.26 67.39 -18.39
CA THR J 93 6.79 66.09 -17.94
C THR J 93 7.70 65.43 -16.90
N GLN J 94 7.09 64.92 -15.81
CA GLN J 94 7.85 64.15 -14.83
C GLN J 94 8.30 62.87 -15.52
N PRO J 95 9.58 62.52 -15.45
CA PRO J 95 10.00 61.24 -16.01
C PRO J 95 9.50 60.10 -15.12
N MET J 96 9.60 58.89 -15.68
CA MET J 96 9.24 57.70 -14.95
C MET J 96 10.06 57.59 -13.67
N LYS J 97 9.36 57.35 -12.56
CA LYS J 97 10.01 57.13 -11.28
C LYS J 97 10.94 55.92 -11.35
N LEU J 98 12.16 56.10 -10.89
CA LEU J 98 13.14 55.04 -10.97
C LEU J 98 13.14 54.20 -9.70
N ASN J 99 13.79 53.03 -9.79
CA ASN J 99 13.93 51.99 -8.76
C ASN J 99 12.68 51.76 -7.89
N THR J 100 11.53 51.68 -8.54
CA THR J 100 10.36 51.09 -7.92
C THR J 100 10.32 49.61 -8.30
N ARG J 101 9.65 48.80 -7.48
CA ARG J 101 9.50 47.41 -7.86
C ARG J 101 8.50 47.21 -9.00
N PRO J 102 8.75 46.23 -9.87
CA PRO J 102 7.86 45.99 -11.02
C PRO J 102 6.54 45.35 -10.62
N SER J 103 5.53 45.59 -11.44
CA SER J 103 4.24 44.92 -11.33
C SER J 103 4.40 43.40 -11.56
N THR J 104 3.38 42.66 -11.10
CA THR J 104 3.31 41.19 -11.24
C THR J 104 3.49 40.71 -12.67
N GLY J 105 2.76 41.33 -13.60
CA GLY J 105 2.91 41.00 -15.00
C GLY J 105 4.32 41.25 -15.49
N LEU J 106 4.94 42.34 -15.03
CA LEU J 106 6.34 42.59 -15.36
C LEU J 106 7.25 41.52 -14.76
N LEU J 107 7.03 41.11 -13.49
CA LEU J 107 7.92 40.08 -12.92
C LEU J 107 7.78 38.76 -13.72
N ARG J 108 6.57 38.40 -14.15
CA ARG J 108 6.42 37.21 -14.99
C ARG J 108 7.11 37.40 -16.32
N HIS J 109 7.07 38.61 -16.87
CA HIS J 109 7.67 38.83 -18.17
C HIS J 109 9.20 38.79 -18.11
N ILE J 110 9.79 39.46 -17.11
CA ILE J 110 11.25 39.45 -16.96
C ILE J 110 11.75 38.02 -16.71
N LEU J 111 11.09 37.30 -15.79
CA LEU J 111 11.47 35.92 -15.51
C LEU J 111 11.30 35.03 -16.74
N GLN J 112 10.26 35.28 -17.53
CA GLN J 112 10.06 34.55 -18.76
C GLN J 112 11.18 34.86 -19.74
N GLN J 113 11.57 36.13 -19.83
CA GLN J 113 12.65 36.57 -20.72
C GLN J 113 13.99 35.92 -20.38
N VAL J 114 14.37 35.95 -19.09
CA VAL J 114 15.61 35.30 -18.66
C VAL J 114 15.52 33.80 -18.91
N TYR J 115 14.36 33.20 -18.64
CA TYR J 115 14.15 31.77 -18.90
C TYR J 115 14.37 31.44 -20.38
N ASN J 116 13.65 32.13 -21.27
CA ASN J 116 13.77 31.92 -22.72
C ASN J 116 15.20 32.15 -23.22
N HIS J 117 15.90 33.11 -22.63
CA HIS J 117 17.30 33.32 -22.98
C HIS J 117 18.22 32.28 -22.39
N SER J 118 17.82 31.58 -21.34
CA SER J 118 18.78 30.71 -20.67
C SER J 118 18.61 29.24 -20.98
N VAL J 119 17.40 28.69 -21.12
CA VAL J 119 17.29 27.23 -21.34
C VAL J 119 17.32 27.02 -22.85
N THR J 120 18.55 27.04 -23.38
CA THR J 120 18.75 27.05 -24.82
C THR J 120 18.37 25.71 -25.43
N ASP J 121 18.75 24.62 -24.76
CA ASP J 121 18.35 23.24 -25.06
C ASP J 121 17.68 22.63 -23.84
N GLY J 137 12.65 19.12 -12.76
CA GLY J 137 11.40 19.82 -12.97
C GLY J 137 11.42 21.21 -12.40
N GLU J 138 10.61 22.10 -12.96
CA GLU J 138 10.55 23.50 -12.54
C GLU J 138 9.20 23.82 -11.94
N THR J 139 9.22 24.48 -10.79
CA THR J 139 8.00 25.03 -10.21
C THR J 139 7.52 26.22 -11.02
N SER J 140 6.21 26.23 -11.31
CA SER J 140 5.66 27.33 -12.11
C SER J 140 5.64 28.64 -11.32
N PHE J 141 5.68 29.74 -12.08
CA PHE J 141 5.55 31.10 -11.56
C PHE J 141 4.33 31.31 -10.68
N ASP J 142 3.17 30.82 -11.13
CA ASP J 142 1.89 30.96 -10.42
C ASP J 142 1.89 30.39 -9.00
N LEU J 143 2.49 29.21 -8.78
CA LEU J 143 2.56 28.69 -7.41
C LEU J 143 3.43 29.55 -6.50
N VAL J 144 4.61 29.95 -6.98
CA VAL J 144 5.44 30.92 -6.27
C VAL J 144 4.64 32.17 -5.93
N ALA J 145 3.89 32.71 -6.89
CA ALA J 145 3.11 33.92 -6.66
C ALA J 145 2.05 33.70 -5.58
N GLN J 146 1.40 32.54 -5.59
CA GLN J 146 0.48 32.13 -4.52
C GLN J 146 1.19 32.12 -3.18
N MET J 147 2.40 31.57 -3.18
CA MET J 147 3.23 31.47 -1.98
C MET J 147 3.55 32.85 -1.43
N ILE J 148 3.91 33.78 -2.31
CA ILE J 148 4.14 35.18 -1.92
C ILE J 148 2.88 35.76 -1.28
N ASP J 149 1.74 35.58 -1.97
CA ASP J 149 0.44 36.05 -1.48
C ASP J 149 0.19 35.54 -0.05
N GLU J 150 0.57 34.30 0.26
CA GLU J 150 0.15 33.80 1.55
C GLU J 150 1.21 33.95 2.63
N ILE J 151 2.47 33.60 2.41
CA ILE J 151 3.52 33.92 3.39
C ILE J 151 4.03 35.33 3.08
N LYS J 152 3.70 36.28 3.93
CA LYS J 152 4.02 37.68 3.69
C LYS J 152 5.36 37.95 4.35
N MET J 153 6.36 38.30 3.54
CA MET J 153 7.70 38.51 4.05
C MET J 153 7.92 39.96 4.43
N THR J 154 8.74 40.15 5.44
CA THR J 154 9.13 41.49 5.86
C THR J 154 10.65 41.63 5.77
N ASP J 155 11.12 42.81 6.14
CA ASP J 155 12.53 43.12 6.11
C ASP J 155 13.38 42.38 7.14
N ASP J 156 12.80 41.61 8.07
CA ASP J 156 13.62 40.81 8.96
C ASP J 156 13.97 39.45 8.36
N ASP J 157 13.18 38.97 7.41
CA ASP J 157 13.32 37.59 6.96
C ASP J 157 14.48 37.37 5.99
N LEU J 158 15.09 36.19 6.07
CA LEU J 158 16.16 35.77 5.18
C LEU J 158 15.74 34.46 4.52
N PHE J 159 15.79 34.39 3.19
CA PHE J 159 15.26 33.24 2.46
C PHE J 159 16.35 32.50 1.68
N VAL J 160 16.27 31.17 1.68
CA VAL J 160 17.20 30.28 0.97
C VAL J 160 16.40 29.13 0.40
N ASP J 161 16.56 28.86 -0.89
CA ASP J 161 16.03 27.65 -1.52
C ASP J 161 17.16 26.64 -1.55
N LEU J 162 17.06 25.60 -0.71
CA LEU J 162 18.03 24.52 -0.73
C LEU J 162 17.69 23.58 -1.88
N GLY J 163 18.58 23.49 -2.86
CA GLY J 163 18.25 22.82 -4.10
C GLY J 163 17.37 23.69 -4.97
N SER J 164 17.93 24.81 -5.41
CA SER J 164 17.16 25.90 -6.00
C SER J 164 16.81 25.68 -7.48
N GLY J 165 17.31 24.61 -8.10
CA GLY J 165 17.00 24.30 -9.48
C GLY J 165 17.55 25.36 -10.41
N VAL J 166 16.73 26.01 -11.24
CA VAL J 166 17.28 27.09 -12.04
C VAL J 166 17.18 28.44 -11.34
N GLY J 167 16.59 28.50 -10.15
CA GLY J 167 16.70 29.66 -9.29
C GLY J 167 15.59 30.68 -9.41
N GLN J 168 14.53 30.38 -10.16
CA GLN J 168 13.52 31.39 -10.47
C GLN J 168 12.62 31.72 -9.29
N VAL J 169 12.51 30.81 -8.32
CA VAL J 169 11.81 31.12 -7.08
C VAL J 169 12.57 32.20 -6.32
N VAL J 170 13.88 31.99 -6.16
CA VAL J 170 14.75 32.95 -5.50
C VAL J 170 14.71 34.30 -6.19
N LEU J 171 14.69 34.30 -7.52
CA LEU J 171 14.64 35.56 -8.25
C LEU J 171 13.32 36.28 -8.05
N GLN J 172 12.20 35.54 -8.09
CA GLN J 172 10.89 36.18 -7.92
C GLN J 172 10.75 36.80 -6.53
N VAL J 173 11.11 36.03 -5.50
CA VAL J 173 11.07 36.58 -4.13
C VAL J 173 12.04 37.76 -4.00
N ALA J 174 13.23 37.67 -4.59
CA ALA J 174 14.19 38.78 -4.55
C ALA J 174 13.66 40.02 -5.26
N ALA J 175 12.81 39.83 -6.26
CA ALA J 175 12.25 40.93 -7.01
C ALA J 175 10.97 41.46 -6.40
N ALA J 176 10.36 40.73 -5.47
CA ALA J 176 9.06 41.11 -4.93
C ALA J 176 9.06 41.56 -3.49
N THR J 177 10.10 41.26 -2.72
CA THR J 177 10.16 41.59 -1.30
C THR J 177 11.44 42.37 -1.01
N ASN J 178 11.50 42.93 0.19
CA ASN J 178 12.65 43.70 0.65
C ASN J 178 13.46 43.07 1.80
N CYS J 179 13.69 41.76 1.72
CA CYS J 179 14.65 41.08 2.60
C CYS J 179 16.06 41.65 2.43
N LYS J 180 16.90 41.44 3.45
CA LYS J 180 18.28 41.92 3.36
C LYS J 180 19.08 41.16 2.31
N HIS J 181 18.91 39.84 2.22
CA HIS J 181 19.68 39.09 1.23
C HIS J 181 18.99 37.76 0.97
N HIS J 182 19.10 37.30 -0.26
CA HIS J 182 18.58 36.01 -0.70
C HIS J 182 19.74 35.16 -1.18
N TYR J 183 19.64 33.86 -0.96
CA TYR J 183 20.64 32.95 -1.49
C TYR J 183 19.99 31.75 -2.18
N GLY J 184 20.68 31.28 -3.20
CA GLY J 184 20.36 30.01 -3.83
C GLY J 184 21.57 29.10 -3.86
N VAL J 185 21.32 27.82 -3.60
CA VAL J 185 22.35 26.80 -3.64
C VAL J 185 21.88 25.64 -4.52
N GLU J 186 22.71 25.27 -5.49
CA GLU J 186 22.37 24.25 -6.46
C GLU J 186 23.52 23.26 -6.51
N LYS J 187 23.20 21.98 -6.47
CA LYS J 187 24.28 20.99 -6.52
C LYS J 187 24.68 20.65 -7.95
N ALA J 188 23.73 20.50 -8.88
CA ALA J 188 24.05 19.97 -10.20
C ALA J 188 24.67 21.05 -11.09
N ASP J 189 25.72 20.67 -11.82
CA ASP J 189 26.56 21.63 -12.55
C ASP J 189 25.80 22.38 -13.63
N ILE J 190 25.04 21.64 -14.47
CA ILE J 190 24.29 22.26 -15.57
C ILE J 190 23.28 23.31 -15.13
N PRO J 191 22.33 23.04 -14.21
CA PRO J 191 21.42 24.14 -13.82
C PRO J 191 22.12 25.26 -13.10
N ALA J 192 23.10 24.96 -12.24
CA ALA J 192 23.88 26.02 -11.59
C ALA J 192 24.58 26.89 -12.62
N LYS J 193 25.09 26.27 -13.69
CA LYS J 193 25.71 26.98 -14.80
C LYS J 193 24.71 27.92 -15.44
N TYR J 194 23.51 27.39 -15.77
CA TYR J 194 22.48 28.26 -16.33
C TYR J 194 22.10 29.35 -15.35
N ALA J 195 22.08 29.06 -14.04
CA ALA J 195 21.75 30.06 -13.02
C ALA J 195 22.75 31.21 -13.01
N GLU J 196 23.98 30.94 -13.40
CA GLU J 196 25.01 31.98 -13.45
C GLU J 196 24.66 32.97 -14.56
N THR J 197 24.26 32.41 -15.70
CA THR J 197 23.76 33.21 -16.82
C THR J 197 22.46 33.90 -16.46
N MET J 198 21.56 33.20 -15.77
CA MET J 198 20.31 33.81 -15.30
C MET J 198 20.59 35.05 -14.46
N ASP J 199 21.57 34.94 -13.55
CA ASP J 199 21.95 36.06 -12.69
C ASP J 199 22.39 37.26 -13.52
N ARG J 200 23.32 37.01 -14.45
CA ARG J 200 23.83 38.09 -15.30
C ARG J 200 22.75 38.68 -16.19
N GLU J 201 21.95 37.82 -16.85
CA GLU J 201 20.88 38.29 -17.74
C GLU J 201 19.83 39.07 -16.96
N PHE J 202 19.51 38.63 -15.75
CA PHE J 202 18.55 39.34 -14.90
C PHE J 202 19.09 40.72 -14.54
N ARG J 203 20.33 40.80 -14.07
CA ARG J 203 20.94 42.09 -13.73
C ARG J 203 21.02 43.02 -14.94
N LYS J 204 21.32 42.46 -16.12
CA LYS J 204 21.38 43.27 -17.34
C LYS J 204 20.01 43.81 -17.74
N TRP J 205 19.01 42.93 -17.79
CA TRP J 205 17.65 43.37 -18.16
C TRP J 205 17.11 44.31 -17.11
N MET J 206 17.42 44.04 -15.84
CA MET J 206 16.99 44.91 -14.75
C MET J 206 17.57 46.30 -14.89
N LYS J 207 18.82 46.40 -15.34
CA LYS J 207 19.41 47.70 -15.61
C LYS J 207 18.71 48.34 -16.80
N TRP J 208 18.41 47.54 -17.83
CA TRP J 208 17.68 47.99 -19.00
C TRP J 208 16.31 48.59 -18.62
N TYR J 209 15.57 47.95 -17.73
CA TYR J 209 14.27 48.52 -17.39
C TYR J 209 14.36 49.59 -16.30
N GLY J 210 15.49 49.68 -15.59
CA GLY J 210 15.65 50.66 -14.52
C GLY J 210 14.78 50.37 -13.31
N LYS J 211 14.64 49.11 -12.91
CA LYS J 211 13.76 48.74 -11.81
C LYS J 211 14.61 48.14 -10.68
N LYS J 212 14.14 48.23 -9.44
CA LYS J 212 14.92 47.73 -8.32
C LYS J 212 14.49 46.33 -7.92
N HIS J 213 15.44 45.55 -7.41
CA HIS J 213 15.24 44.27 -6.74
C HIS J 213 16.21 44.28 -5.57
N ALA J 214 15.95 43.45 -4.56
CA ALA J 214 16.99 43.36 -3.53
C ALA J 214 18.21 42.59 -4.04
N GLU J 215 19.30 42.74 -3.28
CA GLU J 215 20.57 42.04 -3.53
C GLU J 215 20.43 40.53 -3.38
N TYR J 216 21.15 39.79 -4.22
CA TYR J 216 21.13 38.33 -4.09
C TYR J 216 22.42 37.75 -4.65
N THR J 217 22.75 36.55 -4.17
CA THR J 217 23.86 35.76 -4.66
C THR J 217 23.42 34.30 -4.73
N LEU J 218 23.71 33.63 -5.84
CA LEU J 218 23.50 32.20 -5.98
C LEU J 218 24.85 31.49 -5.88
N GLU J 219 25.05 30.68 -4.84
CA GLU J 219 26.34 30.07 -4.61
C GLU J 219 26.24 28.56 -4.84
N ARG J 220 27.31 27.97 -5.35
CA ARG J 220 27.49 26.52 -5.37
C ARG J 220 28.04 25.97 -4.05
N GLY J 221 27.50 24.83 -3.64
CA GLY J 221 27.96 24.14 -2.45
C GLY J 221 26.99 23.06 -2.05
N ASP J 222 27.36 22.33 -1.00
CA ASP J 222 26.53 21.26 -0.42
C ASP J 222 26.03 21.79 0.93
N PHE J 223 24.72 22.03 1.02
CA PHE J 223 24.06 22.59 2.20
C PHE J 223 24.01 21.65 3.40
N LEU J 224 24.55 20.43 3.31
CA LEU J 224 24.57 19.54 4.46
C LEU J 224 25.86 19.65 5.28
N SER J 225 26.85 20.38 4.79
CA SER J 225 28.14 20.60 5.45
C SER J 225 27.98 21.22 6.84
N GLU J 226 29.06 21.16 7.62
CA GLU J 226 29.11 21.76 8.96
C GLU J 226 28.89 23.27 8.91
N GLU J 227 29.59 23.97 8.02
CA GLU J 227 29.43 25.41 7.81
C GLU J 227 27.96 25.80 7.61
N TRP J 228 27.23 25.04 6.81
CA TRP J 228 25.87 25.40 6.42
C TRP J 228 24.89 25.27 7.59
N ARG J 229 25.27 24.50 8.63
CA ARG J 229 24.45 24.33 9.84
C ARG J 229 24.14 25.68 10.48
N GLU J 230 25.15 26.51 10.69
CA GLU J 230 24.85 27.81 11.29
C GLU J 230 24.07 28.71 10.36
N ARG J 231 24.29 28.61 9.03
CA ARG J 231 23.52 29.46 8.12
C ARG J 231 22.04 29.08 8.13
N ILE J 232 21.75 27.77 8.04
CA ILE J 232 20.37 27.30 8.10
C ILE J 232 19.75 27.66 9.44
N ALA J 233 20.52 27.49 10.52
CA ALA J 233 20.10 27.87 11.87
C ALA J 233 19.68 29.32 11.96
N ASN J 234 20.34 30.20 11.23
CA ASN J 234 20.06 31.61 11.32
C ASN J 234 19.13 32.09 10.21
N THR J 235 18.65 31.16 9.38
CA THR J 235 17.72 31.47 8.31
C THR J 235 16.30 31.44 8.87
N SER J 236 15.49 32.45 8.54
CA SER J 236 14.13 32.48 9.03
C SER J 236 13.07 31.85 8.13
N VAL J 237 13.30 31.72 6.82
CA VAL J 237 12.31 31.08 5.94
C VAL J 237 12.99 30.15 4.93
N ILE J 238 12.68 28.86 5.04
CA ILE J 238 13.21 27.80 4.18
C ILE J 238 12.16 27.33 3.20
N PHE J 239 12.52 27.26 1.91
CA PHE J 239 11.73 26.53 0.92
C PHE J 239 12.51 25.31 0.44
N VAL J 240 11.86 24.15 0.41
CA VAL J 240 12.54 22.93 -0.04
C VAL J 240 11.64 21.93 -0.75
N ASN J 241 11.97 21.63 -2.01
CA ASN J 241 11.18 20.75 -2.85
C ASN J 241 11.78 19.36 -2.66
N ASN J 242 11.38 18.73 -1.57
CA ASN J 242 12.06 17.55 -1.07
C ASN J 242 11.42 16.25 -1.50
N PHE J 243 10.39 16.31 -2.37
CA PHE J 243 9.55 15.20 -2.80
C PHE J 243 10.30 13.90 -3.15
N ALA J 244 11.41 14.04 -3.85
CA ALA J 244 12.23 12.92 -4.30
C ALA J 244 13.53 12.76 -3.52
N PHE J 245 13.71 13.45 -2.39
CA PHE J 245 14.98 13.36 -1.66
C PHE J 245 15.24 11.97 -1.07
N GLY J 246 14.22 11.30 -0.56
CA GLY J 246 14.44 10.03 0.10
C GLY J 246 14.61 10.20 1.59
N PRO J 247 14.56 9.09 2.33
CA PRO J 247 14.61 9.17 3.81
C PRO J 247 15.90 9.68 4.41
N GLU J 248 17.06 9.43 3.81
CA GLU J 248 18.33 9.87 4.38
C GLU J 248 18.48 11.39 4.38
N VAL J 249 18.21 12.02 3.24
CA VAL J 249 18.30 13.47 3.12
C VAL J 249 17.23 14.13 4.00
N ASP J 250 16.00 13.60 3.93
CA ASP J 250 14.91 14.11 4.76
C ASP J 250 15.27 14.05 6.25
N HIS J 251 15.86 12.94 6.69
CA HIS J 251 16.27 12.78 8.07
C HIS J 251 17.25 13.87 8.48
N GLN J 252 18.27 14.09 7.64
CA GLN J 252 19.26 15.12 7.93
C GLN J 252 18.62 16.51 7.93
N LEU J 253 17.64 16.73 7.05
CA LEU J 253 16.93 18.00 7.04
C LEU J 253 16.12 18.21 8.32
N LYS J 254 15.40 17.18 8.81
CA LYS J 254 14.70 17.29 10.10
C LYS J 254 15.64 17.76 11.19
N GLU J 255 16.83 17.14 11.22
CA GLU J 255 17.84 17.45 12.23
C GLU J 255 18.30 18.90 12.11
N ARG J 256 18.47 19.39 10.88
CA ARG J 256 18.90 20.78 10.72
C ARG J 256 17.78 21.79 10.96
N PHE J 257 16.53 21.45 10.66
CA PHE J 257 15.43 22.35 10.99
C PHE J 257 15.29 22.49 12.50
N ALA J 258 15.62 21.44 13.24
CA ALA J 258 15.44 21.42 14.69
C ALA J 258 16.28 22.45 15.44
N ASN J 259 17.17 23.17 14.77
CA ASN J 259 18.01 24.21 15.34
C ASN J 259 17.54 25.62 14.99
N MET J 260 16.40 25.76 14.31
CA MET J 260 15.94 27.07 13.88
C MET J 260 15.33 27.88 15.01
N LYS J 261 15.40 29.20 14.85
CA LYS J 261 14.91 30.17 15.81
C LYS J 261 13.38 30.19 15.82
N GLU J 262 12.84 30.63 16.96
CA GLU J 262 11.42 30.91 17.15
C GLU J 262 10.82 31.79 16.05
N GLY J 263 9.64 31.37 15.57
CA GLY J 263 8.87 32.05 14.55
C GLY J 263 9.30 31.80 13.12
N GLY J 264 10.40 31.08 12.92
CA GLY J 264 10.80 30.68 11.57
C GLY J 264 9.77 29.80 10.89
N ARG J 265 9.75 29.83 9.57
CA ARG J 265 8.78 29.06 8.82
C ARG J 265 9.47 28.25 7.73
N ILE J 266 8.96 27.05 7.46
CA ILE J 266 9.47 26.20 6.40
C ILE J 266 8.30 25.76 5.53
N VAL J 267 8.39 26.05 4.24
CA VAL J 267 7.44 25.59 3.25
C VAL J 267 8.05 24.50 2.39
N SER J 268 7.38 23.35 2.31
CA SER J 268 7.88 22.22 1.56
C SER J 268 6.72 21.53 0.85
N SER J 269 7.07 20.65 -0.08
CA SER J 269 6.13 19.87 -0.87
C SER J 269 5.82 18.50 -0.28
N LYS J 270 6.39 18.15 0.84
CA LYS J 270 6.04 16.91 1.51
C LYS J 270 6.17 17.18 2.99
N PRO J 271 5.10 16.94 3.76
CA PRO J 271 5.10 17.28 5.19
C PRO J 271 6.18 16.56 5.96
N PHE J 272 6.71 17.24 6.96
CA PHE J 272 7.67 16.58 7.83
C PHE J 272 7.01 15.98 9.05
N ALA J 273 5.75 16.30 9.29
CA ALA J 273 4.95 15.71 10.35
C ALA J 273 3.52 15.55 9.89
N PRO J 274 2.83 14.49 10.33
CA PRO J 274 1.45 14.27 9.90
C PRO J 274 0.52 15.37 10.40
N LEU J 275 -0.47 15.69 9.57
CA LEU J 275 -1.41 16.78 9.83
C LEU J 275 -2.20 16.61 11.12
N ASN J 276 -2.51 15.39 11.54
CA ASN J 276 -3.28 15.12 12.76
C ASN J 276 -2.39 14.76 13.95
N PHE J 277 -1.23 15.42 14.04
CA PHE J 277 -0.25 15.16 15.10
C PHE J 277 -0.77 15.50 16.49
N ARG J 278 -0.51 14.59 17.44
CA ARG J 278 -0.80 14.77 18.86
C ARG J 278 0.41 14.36 19.67
N ILE J 279 0.92 15.29 20.49
CA ILE J 279 2.08 15.01 21.31
C ILE J 279 1.71 13.99 22.39
N ASN J 280 2.50 12.94 22.50
CA ASN J 280 2.38 12.07 23.67
C ASN J 280 3.77 11.65 24.11
N SER J 281 3.82 10.74 25.07
CA SER J 281 5.08 10.36 25.69
C SER J 281 5.82 9.33 24.85
N ARG J 282 5.20 8.84 23.77
CA ARG J 282 5.79 7.90 22.83
C ARG J 282 6.33 8.54 21.57
N ASN J 283 5.81 9.69 21.18
CA ASN J 283 6.20 10.35 19.94
C ASN J 283 7.15 11.51 20.17
N LEU J 284 7.74 11.57 21.38
CA LEU J 284 8.60 12.65 21.86
C LEU J 284 9.73 13.09 20.94
N SER J 285 10.21 12.23 20.05
CA SER J 285 11.32 12.70 19.22
C SER J 285 10.91 13.13 17.82
N ASP J 286 9.66 12.95 17.44
CA ASP J 286 9.20 13.40 16.15
C ASP J 286 9.23 14.93 16.12
N ILE J 287 9.70 15.49 15.01
CA ILE J 287 9.75 16.93 14.75
C ILE J 287 8.42 17.63 14.99
N GLY J 288 7.31 16.90 14.84
CA GLY J 288 5.96 17.37 15.08
C GLY J 288 5.68 17.98 16.43
N THR J 289 6.49 17.68 17.43
CA THR J 289 6.26 18.23 18.76
C THR J 289 6.56 19.71 18.84
N ILE J 290 7.35 20.25 17.92
CA ILE J 290 7.72 21.65 17.98
C ILE J 290 7.15 22.43 16.80
N MET J 291 6.20 21.88 16.06
CA MET J 291 5.68 22.62 14.92
C MET J 291 4.21 22.30 14.70
N ARG J 292 3.46 23.33 14.29
CA ARG J 292 2.14 23.23 13.70
C ARG J 292 2.28 22.99 12.21
N VAL J 293 1.29 22.32 11.63
CA VAL J 293 1.29 22.05 10.19
C VAL J 293 -0.11 22.30 9.63
N VAL J 294 -0.17 23.05 8.53
CA VAL J 294 -1.42 23.35 7.84
C VAL J 294 -1.13 23.16 6.36
N GLU J 295 -2.11 22.65 5.61
CA GLU J 295 -1.97 22.47 4.17
C GLU J 295 -2.38 23.74 3.45
N LEU J 296 -1.49 24.25 2.61
CA LEU J 296 -1.77 25.43 1.79
C LEU J 296 -2.92 25.23 0.80
N SER J 297 -3.71 26.29 0.66
CA SER J 297 -4.85 26.34 -0.25
C SER J 297 -4.41 26.06 -1.70
N PRO J 298 -5.17 25.26 -2.45
CA PRO J 298 -4.81 25.02 -3.86
C PRO J 298 -4.98 26.28 -4.68
N LEU J 299 -4.16 26.38 -5.75
CA LEU J 299 -4.31 27.48 -6.69
C LEU J 299 -5.33 27.13 -7.76
N LYS J 300 -6.29 28.05 -7.95
CA LYS J 300 -7.36 27.90 -8.93
C LYS J 300 -6.85 27.94 -10.35
N VAL J 310 2.31 18.45 -5.61
CA VAL J 310 1.39 19.48 -6.04
C VAL J 310 1.10 20.38 -4.85
N SER J 311 0.65 19.75 -3.77
CA SER J 311 0.28 20.45 -2.54
C SER J 311 1.53 20.83 -1.77
N TYR J 312 1.52 21.99 -1.13
CA TYR J 312 2.64 22.41 -0.33
C TYR J 312 2.19 22.66 1.11
N TYR J 313 3.15 22.58 2.04
CA TYR J 313 2.82 22.55 3.46
C TYR J 313 3.71 23.49 4.26
N LEU J 314 3.09 24.30 5.13
CA LEU J 314 3.78 25.24 5.99
C LEU J 314 3.94 24.72 7.43
N HIS J 315 5.17 24.71 7.94
CA HIS J 315 5.44 24.33 9.32
C HIS J 315 5.93 25.57 10.07
N THR J 316 5.34 25.86 11.24
CA THR J 316 5.80 26.97 12.07
C THR J 316 6.27 26.54 13.46
N ILE J 317 7.49 26.93 13.81
CA ILE J 317 8.11 26.61 15.11
C ILE J 317 7.41 27.33 16.25
N ASP J 318 6.73 26.57 17.11
CA ASP J 318 5.94 27.14 18.20
C ASP J 318 6.22 26.21 19.38
N ARG J 319 7.14 26.58 20.26
CA ARG J 319 7.48 25.67 21.35
C ARG J 319 6.51 25.66 22.52
N THR J 320 5.58 26.63 22.59
CA THR J 320 4.57 26.67 23.63
C THR J 320 3.70 25.40 23.70
N ILE J 321 3.58 24.65 22.60
CA ILE J 321 2.78 23.43 22.55
C ILE J 321 3.35 22.35 23.46
N LEU J 322 4.68 22.17 23.46
CA LEU J 322 5.30 21.19 24.34
C LEU J 322 5.15 21.60 25.79
N GLU J 323 5.35 22.89 26.08
CA GLU J 323 5.16 23.39 27.44
C GLU J 323 3.74 23.10 27.91
N ASN J 324 2.76 23.39 27.05
CA ASN J 324 1.35 23.12 27.36
C ASN J 324 1.15 21.65 27.70
N TYR J 325 1.72 20.76 26.87
CA TYR J 325 1.58 19.32 27.09
C TYR J 325 2.16 18.92 28.44
N PHE J 326 3.26 19.54 28.84
CA PHE J 326 3.84 19.19 30.14
C PHE J 326 3.04 19.72 31.30
N SER J 327 2.57 20.98 31.21
CA SER J 327 1.66 21.52 32.23
C SER J 327 0.40 20.69 32.37
N SER J 328 -0.08 20.08 31.28
CA SER J 328 -1.26 19.24 31.38
C SER J 328 -0.99 17.89 32.01
N LEU J 329 0.25 17.41 32.01
CA LEU J 329 0.58 16.16 32.67
C LEU J 329 0.70 16.30 34.19
N LYS J 330 0.55 17.50 34.74
CA LYS J 330 0.70 17.70 36.17
C LYS J 330 -0.63 17.96 36.83
#